data_1F1O
# 
_entry.id   1F1O 
# 
_audit_conform.dict_name       mmcif_pdbx.dic 
_audit_conform.dict_version    5.385 
_audit_conform.dict_location   http://mmcif.pdb.org/dictionaries/ascii/mmcif_pdbx.dic 
# 
loop_
_database_2.database_id 
_database_2.database_code 
_database_2.pdbx_database_accession 
_database_2.pdbx_DOI 
PDB   1F1O         pdb_00001f1o 10.2210/pdb1f1o/pdb 
RCSB  RCSB011134   ?            ?                   
WWPDB D_1000011134 ?            ?                   
# 
loop_
_pdbx_audit_revision_history.ordinal 
_pdbx_audit_revision_history.data_content_type 
_pdbx_audit_revision_history.major_revision 
_pdbx_audit_revision_history.minor_revision 
_pdbx_audit_revision_history.revision_date 
1 'Structure model' 1 0 2001-01-10 
2 'Structure model' 1 1 2008-04-27 
3 'Structure model' 1 2 2011-07-13 
4 'Structure model' 1 3 2024-02-07 
# 
_pdbx_audit_revision_details.ordinal             1 
_pdbx_audit_revision_details.revision_ordinal    1 
_pdbx_audit_revision_details.data_content_type   'Structure model' 
_pdbx_audit_revision_details.provider            repository 
_pdbx_audit_revision_details.type                'Initial release' 
_pdbx_audit_revision_details.description         ? 
_pdbx_audit_revision_details.details             ? 
# 
loop_
_pdbx_audit_revision_group.ordinal 
_pdbx_audit_revision_group.revision_ordinal 
_pdbx_audit_revision_group.data_content_type 
_pdbx_audit_revision_group.group 
1 2 'Structure model' 'Version format compliance' 
2 3 'Structure model' 'Version format compliance' 
3 4 'Structure model' 'Data collection'           
4 4 'Structure model' 'Database references'       
# 
loop_
_pdbx_audit_revision_category.ordinal 
_pdbx_audit_revision_category.revision_ordinal 
_pdbx_audit_revision_category.data_content_type 
_pdbx_audit_revision_category.category 
1 4 'Structure model' chem_comp_atom 
2 4 'Structure model' chem_comp_bond 
3 4 'Structure model' database_2     
# 
loop_
_pdbx_audit_revision_item.ordinal 
_pdbx_audit_revision_item.revision_ordinal 
_pdbx_audit_revision_item.data_content_type 
_pdbx_audit_revision_item.item 
1 4 'Structure model' '_database_2.pdbx_DOI'                
2 4 'Structure model' '_database_2.pdbx_database_accession' 
# 
_pdbx_database_status.status_code                     REL 
_pdbx_database_status.entry_id                        1F1O 
_pdbx_database_status.recvd_initial_deposition_date   2000-05-19 
_pdbx_database_status.deposit_site                    RCSB 
_pdbx_database_status.process_site                    RCSB 
_pdbx_database_status.SG_entry                        . 
_pdbx_database_status.pdb_format_compatible           Y 
_pdbx_database_status.status_code_mr                  ? 
_pdbx_database_status.status_code_sf                  ? 
_pdbx_database_status.status_code_cs                  ? 
_pdbx_database_status.status_code_nmr_data            ? 
_pdbx_database_status.methods_development_category    ? 
# 
loop_
_pdbx_database_related.db_name 
_pdbx_database_related.db_id 
_pdbx_database_related.details 
_pdbx_database_related.content_type 
PDB 1c3c . unspecified 
PDB 1c3u . unspecified 
PDB 1dof . unspecified 
# 
loop_
_audit_author.name 
_audit_author.pdbx_ordinal 
'Toth, E.A.' 1 
'Yeates, T.' 2 
# 
_citation.id                        primary 
_citation.title                     
;The crystal structure of adenylosuccinate lyase from Pyrobaculum aerophilum reveals an intracellular protein with three disulfide bonds.
;
_citation.journal_abbrev            J.Mol.Biol. 
_citation.journal_volume            301 
_citation.page_first                433 
_citation.page_last                 450 
_citation.year                      2000 
_citation.journal_id_ASTM           JMOBAK 
_citation.country                   UK 
_citation.journal_id_ISSN           0022-2836 
_citation.journal_id_CSD            0070 
_citation.book_publisher            ? 
_citation.pdbx_database_id_PubMed   10926519 
_citation.pdbx_database_id_DOI      10.1006/jmbi.2000.3970 
# 
loop_
_citation_author.citation_id 
_citation_author.name 
_citation_author.ordinal 
_citation_author.identifier_ORCID 
primary 'Toth, E.A.'    1 ? 
primary 'Worby, C.'     2 ? 
primary 'Dixon, J.E.'   3 ? 
primary 'Goedken, E.R.' 4 ? 
primary 'Marqusee, S.'  5 ? 
primary 'Yeates, T.O.'  6 ? 
# 
_entity.id                         1 
_entity.type                       polymer 
_entity.src_method                 man 
_entity.pdbx_description           'ADENYLOSUCCINATE LYASE' 
_entity.formula_weight             49553.734 
_entity.pdbx_number_of_molecules   1 
_entity.pdbx_ec                    4.3.2.2 
_entity.pdbx_mutation              ? 
_entity.pdbx_fragment              ? 
_entity.details                    ? 
# 
_entity_name_com.entity_id   1 
_entity_name_com.name        ASL 
# 
_entity_poly.entity_id                      1 
_entity_poly.type                           'polypeptide(L)' 
_entity_poly.nstd_linkage                   no 
_entity_poly.nstd_monomer                   no 
_entity_poly.pdbx_seq_one_letter_code       
;MIERYSRPEMSAIWTDENRFQAWLEVEILACEAWAELGVIPKEDVKVMRENASFDINRILEIEKDTRHDVVAFTRAVSES
LGEERKWVHYGLTSTDVVDTALSYLLKQANDILLKDLERFVDIIKEKAKEHKYTVMMGRTHGVHAEPTTFGLKLALWHEE
MKRNLERFKQAKAGIEVGKISGAVGTYANIDPFVEQYVCEKLGLKAAPISTQTLQRDRHADYMATLALIATSIEKFAVEI
RGLQKSETREVEEFFAKGQKGSSAMPHKRNPIGSENMTGMARVIRGYMMTAYENVPLWHERDISHSSAERIILPDATIAL
NYMLNRFSNIVKNLTVFPENMKRNMDRTLGLIYSQRVLLALIDTGLTREEAYDTVQPKAMEAWEKQVPFRELVEAEEKIT
SRLSPEKIADCFDYNYHLKNVDLIFERLGLA
;
_entity_poly.pdbx_seq_one_letter_code_can   
;MIERYSRPEMSAIWTDENRFQAWLEVEILACEAWAELGVIPKEDVKVMRENASFDINRILEIEKDTRHDVVAFTRAVSES
LGEERKWVHYGLTSTDVVDTALSYLLKQANDILLKDLERFVDIIKEKAKEHKYTVMMGRTHGVHAEPTTFGLKLALWHEE
MKRNLERFKQAKAGIEVGKISGAVGTYANIDPFVEQYVCEKLGLKAAPISTQTLQRDRHADYMATLALIATSIEKFAVEI
RGLQKSETREVEEFFAKGQKGSSAMPHKRNPIGSENMTGMARVIRGYMMTAYENVPLWHERDISHSSAERIILPDATIAL
NYMLNRFSNIVKNLTVFPENMKRNMDRTLGLIYSQRVLLALIDTGLTREEAYDTVQPKAMEAWEKQVPFRELVEAEEKIT
SRLSPEKIADCFDYNYHLKNVDLIFERLGLA
;
_entity_poly.pdbx_strand_id                 A 
_entity_poly.pdbx_target_identifier         ? 
# 
loop_
_entity_poly_seq.entity_id 
_entity_poly_seq.num 
_entity_poly_seq.mon_id 
_entity_poly_seq.hetero 
1 1   MET n 
1 2   ILE n 
1 3   GLU n 
1 4   ARG n 
1 5   TYR n 
1 6   SER n 
1 7   ARG n 
1 8   PRO n 
1 9   GLU n 
1 10  MET n 
1 11  SER n 
1 12  ALA n 
1 13  ILE n 
1 14  TRP n 
1 15  THR n 
1 16  ASP n 
1 17  GLU n 
1 18  ASN n 
1 19  ARG n 
1 20  PHE n 
1 21  GLN n 
1 22  ALA n 
1 23  TRP n 
1 24  LEU n 
1 25  GLU n 
1 26  VAL n 
1 27  GLU n 
1 28  ILE n 
1 29  LEU n 
1 30  ALA n 
1 31  CYS n 
1 32  GLU n 
1 33  ALA n 
1 34  TRP n 
1 35  ALA n 
1 36  GLU n 
1 37  LEU n 
1 38  GLY n 
1 39  VAL n 
1 40  ILE n 
1 41  PRO n 
1 42  LYS n 
1 43  GLU n 
1 44  ASP n 
1 45  VAL n 
1 46  LYS n 
1 47  VAL n 
1 48  MET n 
1 49  ARG n 
1 50  GLU n 
1 51  ASN n 
1 52  ALA n 
1 53  SER n 
1 54  PHE n 
1 55  ASP n 
1 56  ILE n 
1 57  ASN n 
1 58  ARG n 
1 59  ILE n 
1 60  LEU n 
1 61  GLU n 
1 62  ILE n 
1 63  GLU n 
1 64  LYS n 
1 65  ASP n 
1 66  THR n 
1 67  ARG n 
1 68  HIS n 
1 69  ASP n 
1 70  VAL n 
1 71  VAL n 
1 72  ALA n 
1 73  PHE n 
1 74  THR n 
1 75  ARG n 
1 76  ALA n 
1 77  VAL n 
1 78  SER n 
1 79  GLU n 
1 80  SER n 
1 81  LEU n 
1 82  GLY n 
1 83  GLU n 
1 84  GLU n 
1 85  ARG n 
1 86  LYS n 
1 87  TRP n 
1 88  VAL n 
1 89  HIS n 
1 90  TYR n 
1 91  GLY n 
1 92  LEU n 
1 93  THR n 
1 94  SER n 
1 95  THR n 
1 96  ASP n 
1 97  VAL n 
1 98  VAL n 
1 99  ASP n 
1 100 THR n 
1 101 ALA n 
1 102 LEU n 
1 103 SER n 
1 104 TYR n 
1 105 LEU n 
1 106 LEU n 
1 107 LYS n 
1 108 GLN n 
1 109 ALA n 
1 110 ASN n 
1 111 ASP n 
1 112 ILE n 
1 113 LEU n 
1 114 LEU n 
1 115 LYS n 
1 116 ASP n 
1 117 LEU n 
1 118 GLU n 
1 119 ARG n 
1 120 PHE n 
1 121 VAL n 
1 122 ASP n 
1 123 ILE n 
1 124 ILE n 
1 125 LYS n 
1 126 GLU n 
1 127 LYS n 
1 128 ALA n 
1 129 LYS n 
1 130 GLU n 
1 131 HIS n 
1 132 LYS n 
1 133 TYR n 
1 134 THR n 
1 135 VAL n 
1 136 MET n 
1 137 MET n 
1 138 GLY n 
1 139 ARG n 
1 140 THR n 
1 141 HIS n 
1 142 GLY n 
1 143 VAL n 
1 144 HIS n 
1 145 ALA n 
1 146 GLU n 
1 147 PRO n 
1 148 THR n 
1 149 THR n 
1 150 PHE n 
1 151 GLY n 
1 152 LEU n 
1 153 LYS n 
1 154 LEU n 
1 155 ALA n 
1 156 LEU n 
1 157 TRP n 
1 158 HIS n 
1 159 GLU n 
1 160 GLU n 
1 161 MET n 
1 162 LYS n 
1 163 ARG n 
1 164 ASN n 
1 165 LEU n 
1 166 GLU n 
1 167 ARG n 
1 168 PHE n 
1 169 LYS n 
1 170 GLN n 
1 171 ALA n 
1 172 LYS n 
1 173 ALA n 
1 174 GLY n 
1 175 ILE n 
1 176 GLU n 
1 177 VAL n 
1 178 GLY n 
1 179 LYS n 
1 180 ILE n 
1 181 SER n 
1 182 GLY n 
1 183 ALA n 
1 184 VAL n 
1 185 GLY n 
1 186 THR n 
1 187 TYR n 
1 188 ALA n 
1 189 ASN n 
1 190 ILE n 
1 191 ASP n 
1 192 PRO n 
1 193 PHE n 
1 194 VAL n 
1 195 GLU n 
1 196 GLN n 
1 197 TYR n 
1 198 VAL n 
1 199 CYS n 
1 200 GLU n 
1 201 LYS n 
1 202 LEU n 
1 203 GLY n 
1 204 LEU n 
1 205 LYS n 
1 206 ALA n 
1 207 ALA n 
1 208 PRO n 
1 209 ILE n 
1 210 SER n 
1 211 THR n 
1 212 GLN n 
1 213 THR n 
1 214 LEU n 
1 215 GLN n 
1 216 ARG n 
1 217 ASP n 
1 218 ARG n 
1 219 HIS n 
1 220 ALA n 
1 221 ASP n 
1 222 TYR n 
1 223 MET n 
1 224 ALA n 
1 225 THR n 
1 226 LEU n 
1 227 ALA n 
1 228 LEU n 
1 229 ILE n 
1 230 ALA n 
1 231 THR n 
1 232 SER n 
1 233 ILE n 
1 234 GLU n 
1 235 LYS n 
1 236 PHE n 
1 237 ALA n 
1 238 VAL n 
1 239 GLU n 
1 240 ILE n 
1 241 ARG n 
1 242 GLY n 
1 243 LEU n 
1 244 GLN n 
1 245 LYS n 
1 246 SER n 
1 247 GLU n 
1 248 THR n 
1 249 ARG n 
1 250 GLU n 
1 251 VAL n 
1 252 GLU n 
1 253 GLU n 
1 254 PHE n 
1 255 PHE n 
1 256 ALA n 
1 257 LYS n 
1 258 GLY n 
1 259 GLN n 
1 260 LYS n 
1 261 GLY n 
1 262 SER n 
1 263 SER n 
1 264 ALA n 
1 265 MET n 
1 266 PRO n 
1 267 HIS n 
1 268 LYS n 
1 269 ARG n 
1 270 ASN n 
1 271 PRO n 
1 272 ILE n 
1 273 GLY n 
1 274 SER n 
1 275 GLU n 
1 276 ASN n 
1 277 MET n 
1 278 THR n 
1 279 GLY n 
1 280 MET n 
1 281 ALA n 
1 282 ARG n 
1 283 VAL n 
1 284 ILE n 
1 285 ARG n 
1 286 GLY n 
1 287 TYR n 
1 288 MET n 
1 289 MET n 
1 290 THR n 
1 291 ALA n 
1 292 TYR n 
1 293 GLU n 
1 294 ASN n 
1 295 VAL n 
1 296 PRO n 
1 297 LEU n 
1 298 TRP n 
1 299 HIS n 
1 300 GLU n 
1 301 ARG n 
1 302 ASP n 
1 303 ILE n 
1 304 SER n 
1 305 HIS n 
1 306 SER n 
1 307 SER n 
1 308 ALA n 
1 309 GLU n 
1 310 ARG n 
1 311 ILE n 
1 312 ILE n 
1 313 LEU n 
1 314 PRO n 
1 315 ASP n 
1 316 ALA n 
1 317 THR n 
1 318 ILE n 
1 319 ALA n 
1 320 LEU n 
1 321 ASN n 
1 322 TYR n 
1 323 MET n 
1 324 LEU n 
1 325 ASN n 
1 326 ARG n 
1 327 PHE n 
1 328 SER n 
1 329 ASN n 
1 330 ILE n 
1 331 VAL n 
1 332 LYS n 
1 333 ASN n 
1 334 LEU n 
1 335 THR n 
1 336 VAL n 
1 337 PHE n 
1 338 PRO n 
1 339 GLU n 
1 340 ASN n 
1 341 MET n 
1 342 LYS n 
1 343 ARG n 
1 344 ASN n 
1 345 MET n 
1 346 ASP n 
1 347 ARG n 
1 348 THR n 
1 349 LEU n 
1 350 GLY n 
1 351 LEU n 
1 352 ILE n 
1 353 TYR n 
1 354 SER n 
1 355 GLN n 
1 356 ARG n 
1 357 VAL n 
1 358 LEU n 
1 359 LEU n 
1 360 ALA n 
1 361 LEU n 
1 362 ILE n 
1 363 ASP n 
1 364 THR n 
1 365 GLY n 
1 366 LEU n 
1 367 THR n 
1 368 ARG n 
1 369 GLU n 
1 370 GLU n 
1 371 ALA n 
1 372 TYR n 
1 373 ASP n 
1 374 THR n 
1 375 VAL n 
1 376 GLN n 
1 377 PRO n 
1 378 LYS n 
1 379 ALA n 
1 380 MET n 
1 381 GLU n 
1 382 ALA n 
1 383 TRP n 
1 384 GLU n 
1 385 LYS n 
1 386 GLN n 
1 387 VAL n 
1 388 PRO n 
1 389 PHE n 
1 390 ARG n 
1 391 GLU n 
1 392 LEU n 
1 393 VAL n 
1 394 GLU n 
1 395 ALA n 
1 396 GLU n 
1 397 GLU n 
1 398 LYS n 
1 399 ILE n 
1 400 THR n 
1 401 SER n 
1 402 ARG n 
1 403 LEU n 
1 404 SER n 
1 405 PRO n 
1 406 GLU n 
1 407 LYS n 
1 408 ILE n 
1 409 ALA n 
1 410 ASP n 
1 411 CYS n 
1 412 PHE n 
1 413 ASP n 
1 414 TYR n 
1 415 ASN n 
1 416 TYR n 
1 417 HIS n 
1 418 LEU n 
1 419 LYS n 
1 420 ASN n 
1 421 VAL n 
1 422 ASP n 
1 423 LEU n 
1 424 ILE n 
1 425 PHE n 
1 426 GLU n 
1 427 ARG n 
1 428 LEU n 
1 429 GLY n 
1 430 LEU n 
1 431 ALA n 
# 
_entity_src_gen.entity_id                          1 
_entity_src_gen.pdbx_src_id                        1 
_entity_src_gen.pdbx_alt_source_flag               sample 
_entity_src_gen.pdbx_seq_type                      ? 
_entity_src_gen.pdbx_beg_seq_num                   ? 
_entity_src_gen.pdbx_end_seq_num                   ? 
_entity_src_gen.gene_src_common_name               ? 
_entity_src_gen.gene_src_genus                     Bacillus 
_entity_src_gen.pdbx_gene_src_gene                 ? 
_entity_src_gen.gene_src_species                   ? 
_entity_src_gen.gene_src_strain                    ? 
_entity_src_gen.gene_src_tissue                    ? 
_entity_src_gen.gene_src_tissue_fraction           ? 
_entity_src_gen.gene_src_details                   ? 
_entity_src_gen.pdbx_gene_src_fragment             ? 
_entity_src_gen.pdbx_gene_src_scientific_name      'Bacillus subtilis' 
_entity_src_gen.pdbx_gene_src_ncbi_taxonomy_id     1423 
_entity_src_gen.pdbx_gene_src_variant              ? 
_entity_src_gen.pdbx_gene_src_cell_line            ? 
_entity_src_gen.pdbx_gene_src_atcc                 ? 
_entity_src_gen.pdbx_gene_src_organ                ? 
_entity_src_gen.pdbx_gene_src_organelle            ? 
_entity_src_gen.pdbx_gene_src_cell                 ? 
_entity_src_gen.pdbx_gene_src_cellular_location    ? 
_entity_src_gen.host_org_common_name               ? 
_entity_src_gen.pdbx_host_org_scientific_name      'Escherichia coli' 
_entity_src_gen.pdbx_host_org_ncbi_taxonomy_id     562 
_entity_src_gen.host_org_genus                     Escherichia 
_entity_src_gen.pdbx_host_org_gene                 ? 
_entity_src_gen.pdbx_host_org_organ                ? 
_entity_src_gen.host_org_species                   ? 
_entity_src_gen.pdbx_host_org_tissue               ? 
_entity_src_gen.pdbx_host_org_tissue_fraction      ? 
_entity_src_gen.pdbx_host_org_strain               ? 
_entity_src_gen.pdbx_host_org_variant              ? 
_entity_src_gen.pdbx_host_org_cell_line            ? 
_entity_src_gen.pdbx_host_org_atcc                 ? 
_entity_src_gen.pdbx_host_org_culture_collection   ? 
_entity_src_gen.pdbx_host_org_cell                 ? 
_entity_src_gen.pdbx_host_org_organelle            ? 
_entity_src_gen.pdbx_host_org_cellular_location    ? 
_entity_src_gen.pdbx_host_org_vector_type          ? 
_entity_src_gen.pdbx_host_org_vector               PT7-7 
_entity_src_gen.host_org_details                   ? 
_entity_src_gen.expression_system_id               ? 
_entity_src_gen.plasmid_name                       ? 
_entity_src_gen.plasmid_details                    ? 
_entity_src_gen.pdbx_description                   ? 
# 
loop_
_chem_comp.id 
_chem_comp.type 
_chem_comp.mon_nstd_flag 
_chem_comp.name 
_chem_comp.pdbx_synonyms 
_chem_comp.formula 
_chem_comp.formula_weight 
ALA 'L-peptide linking' y ALANINE         ? 'C3 H7 N O2'     89.093  
ARG 'L-peptide linking' y ARGININE        ? 'C6 H15 N4 O2 1' 175.209 
ASN 'L-peptide linking' y ASPARAGINE      ? 'C4 H8 N2 O3'    132.118 
ASP 'L-peptide linking' y 'ASPARTIC ACID' ? 'C4 H7 N O4'     133.103 
CYS 'L-peptide linking' y CYSTEINE        ? 'C3 H7 N O2 S'   121.158 
GLN 'L-peptide linking' y GLUTAMINE       ? 'C5 H10 N2 O3'   146.144 
GLU 'L-peptide linking' y 'GLUTAMIC ACID' ? 'C5 H9 N O4'     147.129 
GLY 'peptide linking'   y GLYCINE         ? 'C2 H5 N O2'     75.067  
HIS 'L-peptide linking' y HISTIDINE       ? 'C6 H10 N3 O2 1' 156.162 
ILE 'L-peptide linking' y ISOLEUCINE      ? 'C6 H13 N O2'    131.173 
LEU 'L-peptide linking' y LEUCINE         ? 'C6 H13 N O2'    131.173 
LYS 'L-peptide linking' y LYSINE          ? 'C6 H15 N2 O2 1' 147.195 
MET 'L-peptide linking' y METHIONINE      ? 'C5 H11 N O2 S'  149.211 
PHE 'L-peptide linking' y PHENYLALANINE   ? 'C9 H11 N O2'    165.189 
PRO 'L-peptide linking' y PROLINE         ? 'C5 H9 N O2'     115.130 
SER 'L-peptide linking' y SERINE          ? 'C3 H7 N O3'     105.093 
THR 'L-peptide linking' y THREONINE       ? 'C4 H9 N O3'     119.119 
TRP 'L-peptide linking' y TRYPTOPHAN      ? 'C11 H12 N2 O2'  204.225 
TYR 'L-peptide linking' y TYROSINE        ? 'C9 H11 N O3'    181.189 
VAL 'L-peptide linking' y VALINE          ? 'C5 H11 N O2'    117.146 
# 
loop_
_pdbx_poly_seq_scheme.asym_id 
_pdbx_poly_seq_scheme.entity_id 
_pdbx_poly_seq_scheme.seq_id 
_pdbx_poly_seq_scheme.mon_id 
_pdbx_poly_seq_scheme.ndb_seq_num 
_pdbx_poly_seq_scheme.pdb_seq_num 
_pdbx_poly_seq_scheme.auth_seq_num 
_pdbx_poly_seq_scheme.pdb_mon_id 
_pdbx_poly_seq_scheme.auth_mon_id 
_pdbx_poly_seq_scheme.pdb_strand_id 
_pdbx_poly_seq_scheme.pdb_ins_code 
_pdbx_poly_seq_scheme.hetero 
A 1 1   MET 1   1   ?   ?   ?   A . n 
A 1 2   ILE 2   2   ?   ?   ?   A . n 
A 1 3   GLU 3   3   ?   ?   ?   A . n 
A 1 4   ARG 4   4   ?   ?   ?   A . n 
A 1 5   TYR 5   5   ?   ?   ?   A . n 
A 1 6   SER 6   6   ?   ?   ?   A . n 
A 1 7   ARG 7   7   ?   ?   ?   A . n 
A 1 8   PRO 8   8   ?   ?   ?   A . n 
A 1 9   GLU 9   9   9   GLU GLU A . n 
A 1 10  MET 10  10  10  MET MET A . n 
A 1 11  SER 11  11  11  SER ALA A . n 
A 1 12  ALA 12  12  12  ALA ALA A . n 
A 1 13  ILE 13  13  13  ILE ALA A . n 
A 1 14  TRP 14  14  14  TRP TRP A . n 
A 1 15  THR 15  15  15  THR THR A . n 
A 1 16  ASP 16  16  16  ASP ASP A . n 
A 1 17  GLU 17  17  17  GLU GLU A . n 
A 1 18  ASN 18  18  18  ASN ALA A . n 
A 1 19  ARG 19  19  19  ARG ALA A . n 
A 1 20  PHE 20  20  20  PHE ALA A . n 
A 1 21  GLN 21  21  21  GLN GLN A . n 
A 1 22  ALA 22  22  22  ALA ALA A . n 
A 1 23  TRP 23  23  23  TRP TRP A . n 
A 1 24  LEU 24  24  24  LEU ALA A . n 
A 1 25  GLU 25  25  25  GLU GLU A . n 
A 1 26  VAL 26  26  26  VAL VAL A . n 
A 1 27  GLU 27  27  27  GLU GLU A . n 
A 1 28  ILE 28  28  28  ILE ALA A . n 
A 1 29  LEU 29  29  29  LEU ALA A . n 
A 1 30  ALA 30  30  30  ALA ALA A . n 
A 1 31  CYS 31  31  31  CYS ALA A . n 
A 1 32  GLU 32  32  32  GLU ALA A . n 
A 1 33  ALA 33  33  33  ALA ALA A . n 
A 1 34  TRP 34  34  34  TRP ALA A . n 
A 1 35  ALA 35  35  35  ALA ALA A . n 
A 1 36  GLU 36  36  36  GLU GLU A . n 
A 1 37  LEU 37  37  37  LEU ALA A . n 
A 1 38  GLY 38  38  38  GLY GLY A . n 
A 1 39  VAL 39  39  39  VAL VAL A . n 
A 1 40  ILE 40  40  40  ILE ALA A . n 
A 1 41  PRO 41  41  41  PRO ALA A . n 
A 1 42  LYS 42  42  42  LYS ALA A . n 
A 1 43  GLU 43  43  43  GLU ALA A . n 
A 1 44  ASP 44  44  44  ASP ALA A . n 
A 1 45  VAL 45  45  45  VAL ALA A . n 
A 1 46  LYS 46  46  46  LYS ALA A . n 
A 1 47  VAL 47  47  47  VAL ALA A . n 
A 1 48  MET 48  48  48  MET ALA A . n 
A 1 49  ARG 49  49  49  ARG ALA A . n 
A 1 50  GLU 50  50  50  GLU ALA A . n 
A 1 51  ASN 51  51  51  ASN ALA A . n 
A 1 52  ALA 52  52  52  ALA ALA A . n 
A 1 53  SER 53  53  53  SER SER A . n 
A 1 54  PHE 54  54  54  PHE ALA A . n 
A 1 55  ASP 55  55  55  ASP ALA A . n 
A 1 56  ILE 56  56  56  ILE ILE A . n 
A 1 57  ASN 57  57  57  ASN ALA A . n 
A 1 58  ARG 58  58  58  ARG ALA A . n 
A 1 59  ILE 59  59  59  ILE ALA A . n 
A 1 60  LEU 60  60  60  LEU ALA A . n 
A 1 61  GLU 61  61  61  GLU ALA A . n 
A 1 62  ILE 62  62  62  ILE ALA A . n 
A 1 63  GLU 63  63  63  GLU ALA A . n 
A 1 64  LYS 64  64  64  LYS ALA A . n 
A 1 65  ASP 65  65  65  ASP ALA A . n 
A 1 66  THR 66  66  66  THR ALA A . n 
A 1 67  ARG 67  67  67  ARG ALA A . n 
A 1 68  HIS 68  68  68  HIS ALA A . n 
A 1 69  ASP 69  69  69  ASP ALA A . n 
A 1 70  VAL 70  70  70  VAL ALA A . n 
A 1 71  VAL 71  71  71  VAL ALA A . n 
A 1 72  ALA 72  72  72  ALA ALA A . n 
A 1 73  PHE 73  73  73  PHE ALA A . n 
A 1 74  THR 74  74  74  THR ALA A . n 
A 1 75  ARG 75  75  75  ARG ALA A . n 
A 1 76  ALA 76  76  76  ALA ALA A . n 
A 1 77  VAL 77  77  77  VAL ALA A . n 
A 1 78  SER 78  78  78  SER ALA A . n 
A 1 79  GLU 79  79  79  GLU ALA A . n 
A 1 80  SER 80  80  80  SER ALA A . n 
A 1 81  LEU 81  81  81  LEU GLU A . n 
A 1 82  GLY 82  82  82  GLY ALA A . n 
A 1 83  GLU 83  83  83  GLU ALA A . n 
A 1 84  GLU 84  84  84  GLU ALA A . n 
A 1 85  ARG 85  85  85  ARG ALA A . n 
A 1 86  LYS 86  86  86  LYS ALA A . n 
A 1 87  TRP 87  87  87  TRP ALA A . n 
A 1 88  VAL 88  88  88  VAL ALA A . n 
A 1 89  HIS 89  89  89  HIS ALA A . n 
A 1 90  TYR 90  90  90  TYR ALA A . n 
A 1 91  GLY 91  91  91  GLY ALA A . n 
A 1 92  LEU 92  92  92  LEU ALA A . n 
A 1 93  THR 93  93  93  THR ALA A . n 
A 1 94  SER 94  94  94  SER ALA A . n 
A 1 95  THR 95  95  95  THR ALA A . n 
A 1 96  ASP 96  96  96  ASP ALA A . n 
A 1 97  VAL 97  97  97  VAL ALA A . n 
A 1 98  VAL 98  98  98  VAL LEU A . n 
A 1 99  ASP 99  99  99  ASP ALA A . n 
A 1 100 THR 100 100 100 THR ALA A . n 
A 1 101 ALA 101 101 101 ALA ALA A . n 
A 1 102 LEU 102 102 102 LEU ALA A . n 
A 1 103 SER 103 103 103 SER ALA A . n 
A 1 104 TYR 104 104 104 TYR ALA A . n 
A 1 105 LEU 105 105 105 LEU ALA A . n 
A 1 106 LEU 106 106 106 LEU ALA A . n 
A 1 107 LYS 107 107 107 LYS ALA A . n 
A 1 108 GLN 108 108 108 GLN ALA A . n 
A 1 109 ALA 109 109 109 ALA LEU A . n 
A 1 110 ASN 110 110 110 ASN ALA A . n 
A 1 111 ASP 111 111 111 ASP ALA A . n 
A 1 112 ILE 112 112 112 ILE ALA A . n 
A 1 113 LEU 113 113 113 LEU LEU A . n 
A 1 114 LEU 114 114 114 LEU ALA A . n 
A 1 115 LYS 115 115 115 LYS ARG A . n 
A 1 116 ASP 116 116 116 ASP PHE A . n 
A 1 117 LEU 117 117 117 LEU ALA A . n 
A 1 118 GLU 118 118 118 GLU ALA A . n 
A 1 119 ARG 119 119 119 ARG ALA A . n 
A 1 120 PHE 120 120 120 PHE ALA A . n 
A 1 121 VAL 121 121 121 VAL ALA A . n 
A 1 122 ASP 122 122 122 ASP ALA A . n 
A 1 123 ILE 123 123 123 ILE ALA A . n 
A 1 124 ILE 124 124 124 ILE ALA A . n 
A 1 125 LYS 125 125 125 LYS ALA A . n 
A 1 126 GLU 126 126 126 GLU ALA A . n 
A 1 127 LYS 127 127 127 LYS ALA A . n 
A 1 128 ALA 128 128 128 ALA ALA A . n 
A 1 129 LYS 129 129 129 LYS ALA A . n 
A 1 130 GLU 130 130 130 GLU ALA A . n 
A 1 131 HIS 131 131 131 HIS ALA A . n 
A 1 132 LYS 132 132 132 LYS THR A . n 
A 1 133 TYR 133 133 133 TYR VAL A . n 
A 1 134 THR 134 134 134 THR ALA A . n 
A 1 135 VAL 135 135 135 VAL ALA A . n 
A 1 136 MET 136 136 136 MET ALA A . n 
A 1 137 MET 137 137 137 MET ALA A . n 
A 1 138 GLY 138 138 ?   ?   ?   A . n 
A 1 139 ARG 139 139 ?   ?   ?   A . n 
A 1 140 THR 140 140 140 THR ALA A . n 
A 1 141 HIS 141 141 141 HIS ALA A . n 
A 1 142 GLY 142 142 142 GLY ALA A . n 
A 1 143 VAL 143 143 143 VAL ALA A . n 
A 1 144 HIS 144 144 144 HIS ALA A . n 
A 1 145 ALA 145 145 145 ALA ALA A . n 
A 1 146 GLU 146 146 146 GLU ALA A . n 
A 1 147 PRO 147 147 147 PRO ALA A . n 
A 1 148 THR 148 148 148 THR ALA A . n 
A 1 149 THR 149 149 149 THR ALA A . n 
A 1 150 PHE 150 150 150 PHE ALA A . n 
A 1 151 GLY 151 151 151 GLY LYS A . n 
A 1 152 LEU 152 152 152 LEU LEU A . n 
A 1 153 LYS 153 153 153 LYS ALA A . n 
A 1 154 LEU 154 154 154 LEU LEU A . n 
A 1 155 ALA 155 155 155 ALA TRP A . n 
A 1 156 LEU 156 156 156 LEU HIS A . n 
A 1 157 TRP 157 157 157 TRP ALA A . n 
A 1 158 HIS 158 158 158 HIS GLU A . n 
A 1 159 GLU 159 159 159 GLU MET A . n 
A 1 160 GLU 160 160 160 GLU LYS A . n 
A 1 161 MET 161 161 161 MET ARG A . n 
A 1 162 LYS 162 162 162 LYS ASN A . n 
A 1 163 ARG 163 163 163 ARG LEU A . n 
A 1 164 ASN 164 164 164 ASN ALA A . n 
A 1 165 LEU 165 165 165 LEU ARG A . n 
A 1 166 GLU 166 166 166 GLU PHE A . n 
A 1 167 ARG 167 167 167 ARG ALA A . n 
A 1 168 PHE 168 168 168 PHE ASP A . n 
A 1 169 LYS 169 169 169 LYS ALA A . n 
A 1 170 GLN 170 170 170 GLN ALA A . n 
A 1 171 ALA 171 171 171 ALA ALA A . n 
A 1 172 LYS 172 172 172 LYS GLY A . n 
A 1 173 ALA 173 173 173 ALA ALA A . n 
A 1 174 GLY 174 174 174 GLY GLU A . n 
A 1 175 ILE 175 175 175 ILE ALA A . n 
A 1 176 GLU 176 176 176 GLU GLY A . n 
A 1 177 VAL 177 177 177 VAL ALA A . n 
A 1 178 GLY 178 178 178 GLY ALA A . n 
A 1 179 LYS 179 179 179 LYS ALA A . n 
A 1 180 ILE 180 180 180 ILE ALA A . n 
A 1 181 SER 181 181 181 SER ALA A . n 
A 1 182 GLY 182 182 182 GLY VAL A . n 
A 1 183 ALA 183 183 ?   ?   ?   A . n 
A 1 184 VAL 184 184 ?   ?   ?   A . n 
A 1 185 GLY 185 185 ?   ?   ?   A . n 
A 1 186 THR 186 186 ?   ?   ?   A . n 
A 1 187 TYR 187 187 ?   ?   ?   A . n 
A 1 188 ALA 188 188 ?   ?   ?   A . n 
A 1 189 ASN 189 189 189 ASN ALA A . n 
A 1 190 ILE 190 190 190 ILE PHE A . n 
A 1 191 ASP 191 191 191 ASP ALA A . n 
A 1 192 PRO 192 192 192 PRO ALA A . n 
A 1 193 PHE 193 193 193 PHE ALA A . n 
A 1 194 VAL 194 194 194 VAL ALA A . n 
A 1 195 GLU 195 195 195 GLU ALA A . n 
A 1 196 GLN 196 196 196 GLN CYS A . n 
A 1 197 TYR 197 197 197 TYR ALA A . n 
A 1 198 VAL 198 198 198 VAL ALA A . n 
A 1 199 CYS 199 199 199 CYS ALA A . n 
A 1 200 GLU 200 200 200 GLU ALA A . n 
A 1 201 LYS 201 201 201 LYS ALA A . n 
A 1 202 LEU 202 202 202 LEU ALA A . n 
A 1 203 GLY 203 203 203 GLY ALA A . n 
A 1 204 LEU 204 204 204 LEU ALA A . n 
A 1 205 LYS 205 205 205 LYS LEU A . n 
A 1 206 ALA 206 206 206 ALA GLY A . n 
A 1 207 ALA 207 207 207 ALA ALA A . n 
A 1 208 PRO 208 208 208 PRO ALA A . n 
A 1 209 ILE 209 209 209 ILE ALA A . n 
A 1 210 SER 210 210 210 SER ALA A . n 
A 1 211 THR 211 211 211 THR ALA A . n 
A 1 212 GLN 212 212 212 GLN ALA A . n 
A 1 213 THR 213 213 213 THR ALA A . n 
A 1 214 LEU 214 214 214 LEU LEU A . n 
A 1 215 GLN 215 215 215 GLN GLN A . n 
A 1 216 ARG 216 216 216 ARG ARG A . n 
A 1 217 ASP 217 217 217 ASP ASP A . n 
A 1 218 ARG 218 218 218 ARG ARG A . n 
A 1 219 HIS 219 219 219 HIS HIS A . n 
A 1 220 ALA 220 220 220 ALA ALA A . n 
A 1 221 ASP 221 221 221 ASP ASP A . n 
A 1 222 TYR 222 222 222 TYR TYR A . n 
A 1 223 MET 223 223 223 MET MET A . n 
A 1 224 ALA 224 224 224 ALA ALA A . n 
A 1 225 THR 225 225 225 THR THR A . n 
A 1 226 LEU 226 226 226 LEU LEU A . n 
A 1 227 ALA 227 227 227 ALA ALA A . n 
A 1 228 LEU 228 228 228 LEU LEU A . n 
A 1 229 ILE 229 229 229 ILE ILE A . n 
A 1 230 ALA 230 230 230 ALA ALA A . n 
A 1 231 THR 231 231 231 THR THR A . n 
A 1 232 SER 232 232 232 SER SER A . n 
A 1 233 ILE 233 233 233 ILE ILE A . n 
A 1 234 GLU 234 234 234 GLU GLU A . n 
A 1 235 LYS 235 235 235 LYS ALA A . n 
A 1 236 PHE 236 236 236 PHE PHE A . n 
A 1 237 ALA 237 237 237 ALA ALA A . n 
A 1 238 VAL 238 238 238 VAL VAL A . n 
A 1 239 GLU 239 239 239 GLU GLU A . n 
A 1 240 ILE 240 240 240 ILE ILE A . n 
A 1 241 ARG 241 241 241 ARG ARG A . n 
A 1 242 GLY 242 242 242 GLY GLY A . n 
A 1 243 LEU 243 243 243 LEU LEU A . n 
A 1 244 GLN 244 244 244 GLN GLN A . n 
A 1 245 LYS 245 245 245 LYS ALA A . n 
A 1 246 SER 246 246 246 SER ALA A . n 
A 1 247 GLU 247 247 247 GLU ALA A . n 
A 1 248 THR 248 248 248 THR ALA A . n 
A 1 249 ARG 249 249 249 ARG ARG A . n 
A 1 250 GLU 250 250 250 GLU GLU A . n 
A 1 251 VAL 251 251 251 VAL VAL A . n 
A 1 252 GLU 252 252 252 GLU GLU A . n 
A 1 253 GLU 253 253 253 GLU ALA A . n 
A 1 254 PHE 254 254 254 PHE ALA A . n 
A 1 255 PHE 255 255 ?   ?   ?   A . n 
A 1 256 ALA 256 256 ?   ?   ?   A . n 
A 1 257 LYS 257 257 ?   ?   ?   A . n 
A 1 258 GLY 258 258 ?   ?   ?   A . n 
A 1 259 GLN 259 259 ?   ?   ?   A . n 
A 1 260 LYS 260 260 ?   ?   ?   A . n 
A 1 261 GLY 261 261 ?   ?   ?   A . n 
A 1 262 SER 262 262 ?   ?   ?   A . n 
A 1 263 SER 263 263 263 SER ALA A . n 
A 1 264 ALA 264 264 264 ALA ALA A . n 
A 1 265 MET 265 265 265 MET ALA A . n 
A 1 266 PRO 266 266 266 PRO PRO A . n 
A 1 267 HIS 267 267 267 HIS ILE A . n 
A 1 268 LYS 268 268 268 LYS GLY A . n 
A 1 269 ARG 269 269 269 ARG SER A . n 
A 1 270 ASN 270 270 270 ASN GLU A . n 
A 1 271 PRO 271 271 271 PRO ASN A . n 
A 1 272 ILE 272 272 272 ILE MET A . n 
A 1 273 GLY 273 273 273 GLY THR A . n 
A 1 274 SER 274 274 274 SER GLY A . n 
A 1 275 GLU 275 275 275 GLU ALA A . n 
A 1 276 ASN 276 276 276 ASN ALA A . n 
A 1 277 MET 277 277 277 MET ARG A . n 
A 1 278 THR 278 278 278 THR VAL A . n 
A 1 279 GLY 279 279 279 GLY ALA A . n 
A 1 280 MET 280 280 280 MET ARG A . n 
A 1 281 ALA 281 281 281 ALA GLY A . n 
A 1 282 ARG 282 282 282 ARG TYR A . n 
A 1 283 VAL 283 283 283 VAL MET A . n 
A 1 284 ILE 284 284 284 ILE MET A . n 
A 1 285 ARG 285 285 285 ARG THR A . n 
A 1 286 GLY 286 286 286 GLY ALA A . n 
A 1 287 TYR 287 287 287 TYR TYR A . n 
A 1 288 MET 288 288 288 MET GLU A . n 
A 1 289 MET 289 289 289 MET ASN A . n 
A 1 290 THR 290 290 290 THR VAL A . n 
A 1 291 ALA 291 291 291 ALA PRO A . n 
A 1 292 TYR 292 292 292 TYR LEU A . n 
A 1 293 GLU 293 293 293 GLU TRP A . n 
A 1 294 ASN 294 294 294 ASN ALA A . n 
A 1 295 VAL 295 295 295 VAL ALA A . n 
A 1 296 PRO 296 296 296 PRO ALA A . n 
A 1 297 LEU 297 297 297 LEU ASP A . n 
A 1 298 TRP 298 298 298 TRP ILE A . n 
A 1 299 HIS 299 299 299 HIS SER A . n 
A 1 300 GLU 300 300 300 GLU HIS A . n 
A 1 301 ARG 301 301 301 ARG SER A . n 
A 1 302 ASP 302 302 302 ASP SER A . n 
A 1 303 ILE 303 303 303 ILE ALA A . n 
A 1 304 SER 304 304 304 SER GLU A . n 
A 1 305 HIS 305 305 305 HIS ALA A . n 
A 1 306 SER 306 306 306 SER ALA A . n 
A 1 307 SER 307 307 307 SER ILE A . n 
A 1 308 ALA 308 308 308 ALA LEU A . n 
A 1 309 GLU 309 309 309 GLU PRO A . n 
A 1 310 ARG 310 310 310 ARG ASP A . n 
A 1 311 ILE 311 311 311 ILE ALA A . n 
A 1 312 ILE 312 312 312 ILE THR A . n 
A 1 313 LEU 313 313 313 LEU ILE A . n 
A 1 314 PRO 314 314 314 PRO ALA A . n 
A 1 315 ASP 315 315 315 ASP LEU A . n 
A 1 316 ALA 316 316 316 ALA ALA A . n 
A 1 317 THR 317 317 317 THR TYR A . n 
A 1 318 ILE 318 318 318 ILE MET A . n 
A 1 319 ALA 319 319 319 ALA LEU A . n 
A 1 320 LEU 320 320 320 LEU ALA A . n 
A 1 321 ASN 321 321 321 ASN ALA A . n 
A 1 322 TYR 322 322 322 TYR PHE A . n 
A 1 323 MET 323 323 323 MET ALA A . n 
A 1 324 LEU 324 324 324 LEU ASN A . n 
A 1 325 ASN 325 325 325 ASN ALA A . n 
A 1 326 ARG 326 326 326 ARG VAL A . n 
A 1 327 PHE 327 327 327 PHE LYS A . n 
A 1 328 SER 328 328 328 SER ASN A . n 
A 1 329 ASN 329 329 329 ASN LEU A . n 
A 1 330 ILE 330 330 330 ILE THR A . n 
A 1 331 VAL 331 331 331 VAL VAL A . n 
A 1 332 LYS 332 332 332 LYS PHE A . n 
A 1 333 ASN 333 333 333 ASN PRO A . n 
A 1 334 LEU 334 334 334 LEU GLU A . n 
A 1 335 THR 335 335 335 THR ASN A . n 
A 1 336 VAL 336 336 336 VAL MET A . n 
A 1 337 PHE 337 337 337 PHE LYS A . n 
A 1 338 PRO 338 338 338 PRO ALA A . n 
A 1 339 GLU 339 339 339 GLU ALA A . n 
A 1 340 ASN 340 340 340 ASN MET A . n 
A 1 341 MET 341 341 341 MET ALA A . n 
A 1 342 LYS 342 342 342 LYS ALA A . n 
A 1 343 ARG 343 343 343 ARG ALA A . n 
A 1 344 ASN 344 344 344 ASN ALA A . n 
A 1 345 MET 345 345 ?   ?   ?   A . n 
A 1 346 ASP 346 346 ?   ?   ?   A . n 
A 1 347 ARG 347 347 ?   ?   ?   A . n 
A 1 348 THR 348 348 ?   ?   ?   A . n 
A 1 349 LEU 349 349 ?   ?   ?   A . n 
A 1 350 GLY 350 350 ?   ?   ?   A . n 
A 1 351 LEU 351 351 351 LEU ALA A . n 
A 1 352 ILE 352 352 352 ILE ALA A . n 
A 1 353 TYR 353 353 353 TYR ALA A . n 
A 1 354 SER 354 354 354 SER ALA A . n 
A 1 355 GLN 355 355 355 GLN ALA A . n 
A 1 356 ARG 356 356 356 ARG ALA A . n 
A 1 357 VAL 357 357 357 VAL ALA A . n 
A 1 358 LEU 358 358 358 LEU ALA A . n 
A 1 359 LEU 359 359 359 LEU ALA A . n 
A 1 360 ALA 360 360 360 ALA ALA A . n 
A 1 361 LEU 361 361 ?   ?   ?   A . n 
A 1 362 ILE 362 362 ?   ?   ?   A . n 
A 1 363 ASP 363 363 ?   ?   ?   A . n 
A 1 364 THR 364 364 ?   ?   ?   A . n 
A 1 365 GLY 365 365 ?   ?   ?   A . n 
A 1 366 LEU 366 366 ?   ?   ?   A . n 
A 1 367 THR 367 367 ?   ?   ?   A . n 
A 1 368 ARG 368 368 ?   ?   ?   A . n 
A 1 369 GLU 369 369 ?   ?   ?   A . n 
A 1 370 GLU 370 370 ?   ?   ?   A . n 
A 1 371 ALA 371 371 ?   ?   ?   A . n 
A 1 372 TYR 372 372 ?   ?   ?   A . n 
A 1 373 ASP 373 373 ?   ?   ?   A . n 
A 1 374 THR 374 374 ?   ?   ?   A . n 
A 1 375 VAL 375 375 ?   ?   ?   A . n 
A 1 376 GLN 376 376 ?   ?   ?   A . n 
A 1 377 PRO 377 377 ?   ?   ?   A . n 
A 1 378 LYS 378 378 ?   ?   ?   A . n 
A 1 379 ALA 379 379 ?   ?   ?   A . n 
A 1 380 MET 380 380 ?   ?   ?   A . n 
A 1 381 GLU 381 381 ?   ?   ?   A . n 
A 1 382 ALA 382 382 ?   ?   ?   A . n 
A 1 383 TRP 383 383 ?   ?   ?   A . n 
A 1 384 GLU 384 384 ?   ?   ?   A . n 
A 1 385 LYS 385 385 ?   ?   ?   A . n 
A 1 386 GLN 386 386 ?   ?   ?   A . n 
A 1 387 VAL 387 387 ?   ?   ?   A . n 
A 1 388 PRO 388 388 ?   ?   ?   A . n 
A 1 389 PHE 389 389 ?   ?   ?   A . n 
A 1 390 ARG 390 390 ?   ?   ?   A . n 
A 1 391 GLU 391 391 ?   ?   ?   A . n 
A 1 392 LEU 392 392 ?   ?   ?   A . n 
A 1 393 VAL 393 393 ?   ?   ?   A . n 
A 1 394 GLU 394 394 ?   ?   ?   A . n 
A 1 395 ALA 395 395 ?   ?   ?   A . n 
A 1 396 GLU 396 396 396 GLU ALA A . n 
A 1 397 GLU 397 397 397 GLU ALA A . n 
A 1 398 LYS 398 398 398 LYS ALA A . n 
A 1 399 ILE 399 399 399 ILE ALA A . n 
A 1 400 THR 400 400 400 THR ALA A . n 
A 1 401 SER 401 401 401 SER ALA A . n 
A 1 402 ARG 402 402 402 ARG ALA A . n 
A 1 403 LEU 403 403 403 LEU ALA A . n 
A 1 404 SER 404 404 404 SER ALA A . n 
A 1 405 PRO 405 405 405 PRO ALA A . n 
A 1 406 GLU 406 406 406 GLU ALA A . n 
A 1 407 LYS 407 407 407 LYS ALA A . n 
A 1 408 ILE 408 408 408 ILE ALA A . n 
A 1 409 ALA 409 409 409 ALA ALA A . n 
A 1 410 ASP 410 410 410 ASP ALA A . n 
A 1 411 CYS 411 411 411 CYS ALA A . n 
A 1 412 PHE 412 412 412 PHE ALA A . n 
A 1 413 ASP 413 413 413 ASP ALA A . n 
A 1 414 TYR 414 414 414 TYR ALA A . n 
A 1 415 ASN 415 415 415 ASN ALA A . n 
A 1 416 TYR 416 416 416 TYR ALA A . n 
A 1 417 HIS 417 417 ?   ?   ?   A . n 
A 1 418 LEU 418 418 ?   ?   ?   A . n 
A 1 419 LYS 419 419 ?   ?   ?   A . n 
A 1 420 ASN 420 420 ?   ?   ?   A . n 
A 1 421 VAL 421 421 ?   ?   ?   A . n 
A 1 422 ASP 422 422 ?   ?   ?   A . n 
A 1 423 LEU 423 423 ?   ?   ?   A . n 
A 1 424 ILE 424 424 ?   ?   ?   A . n 
A 1 425 PHE 425 425 ?   ?   ?   A . n 
A 1 426 GLU 426 426 ?   ?   ?   A . n 
A 1 427 ARG 427 427 ?   ?   ?   A . n 
A 1 428 LEU 428 428 ?   ?   ?   A . n 
A 1 429 GLY 429 429 ?   ?   ?   A . n 
A 1 430 LEU 430 430 ?   ?   ?   A . n 
A 1 431 ALA 431 431 ?   ?   ?   A . n 
# 
loop_
_software.name 
_software.classification 
_software.version 
_software.citation_id 
_software.pdbx_ordinal 
AMoRE     phasing          . ? 1 
CNS       refinement       . ? 2 
DENZO     'data reduction' . ? 3 
SCALEPACK 'data scaling'   . ? 4 
# 
_cell.entry_id           1F1O 
_cell.length_a           129.530 
_cell.length_b           129.530 
_cell.length_c           282.080 
_cell.angle_alpha        90.00 
_cell.angle_beta         90.00 
_cell.angle_gamma        120.00 
_cell.Z_PDB              12 
_cell.pdbx_unique_axis   ? 
# 
_symmetry.entry_id                         1F1O 
_symmetry.space_group_name_H-M             'P 65 2 2' 
_symmetry.pdbx_full_space_group_name_H-M   ? 
_symmetry.cell_setting                     ? 
_symmetry.Int_Tables_number                179 
# 
_exptl.entry_id          1F1O 
_exptl.method            'X-RAY DIFFRACTION' 
_exptl.crystals_number   1 
# 
_exptl_crystal.id                    1 
_exptl_crystal.density_meas          ? 
_exptl_crystal.density_percent_sol   ? 
_exptl_crystal.density_Matthews      6.89 
_exptl_crystal.description           ? 
# 
_exptl_crystal_grow.crystal_id      1 
_exptl_crystal_grow.method          'VAPOR DIFFUSION, HANGING DROP' 
_exptl_crystal_grow.pH              5.8 
_exptl_crystal_grow.temp            293 
_exptl_crystal_grow.temp_details    ? 
_exptl_crystal_grow.pdbx_details    '0.1 M MES, 1.5 M ammonium sulfate, pH 5.8, VAPOR DIFFUSION, HANGING DROP, temperature 293K' 
_exptl_crystal_grow.pdbx_pH_range   . 
# 
_diffrn.id                     1 
_diffrn.ambient_temp           100 
_diffrn.ambient_temp_details   ? 
_diffrn.crystal_id             1 
# 
_diffrn_detector.diffrn_id              1 
_diffrn_detector.detector               'IMAGE PLATE' 
_diffrn_detector.type                   MARRESEARCH 
_diffrn_detector.pdbx_collection_date   ? 
_diffrn_detector.details                ? 
# 
_diffrn_radiation.diffrn_id                        1 
_diffrn_radiation.wavelength_id                    1 
_diffrn_radiation.monochromator                    ? 
_diffrn_radiation.pdbx_monochromatic_or_laue_m_l   M 
_diffrn_radiation.pdbx_diffrn_protocol             'SINGLE WAVELENGTH' 
_diffrn_radiation.pdbx_scattering_type             x-ray 
# 
_diffrn_radiation_wavelength.id           1 
_diffrn_radiation_wavelength.wavelength   . 
_diffrn_radiation_wavelength.wt           1.0 
# 
_diffrn_source.diffrn_id                   1 
_diffrn_source.source                      SYNCHROTRON 
_diffrn_source.type                        'NSLS BEAMLINE X12C' 
_diffrn_source.pdbx_wavelength             ? 
_diffrn_source.pdbx_synchrotron_site       NSLS 
_diffrn_source.pdbx_synchrotron_beamline   X12C 
_diffrn_source.pdbx_wavelength_list        ? 
# 
_reflns.entry_id                     1F1O 
_reflns.observed_criterion_sigma_I   -3 
_reflns.observed_criterion_sigma_F   ? 
_reflns.d_resolution_low             50.0 
_reflns.d_resolution_high            3.25 
_reflns.number_obs                   2843 
_reflns.number_all                   22850 
_reflns.percent_possible_obs         87.6 
_reflns.pdbx_Rmerge_I_obs            0.0580000 
_reflns.pdbx_Rsym_value              ? 
_reflns.pdbx_netI_over_sigmaI        ? 
_reflns.B_iso_Wilson_estimate        ? 
_reflns.pdbx_redundancy              ? 
_reflns.R_free_details               ? 
_reflns.limit_h_max                  ? 
_reflns.limit_h_min                  ? 
_reflns.limit_k_max                  ? 
_reflns.limit_k_min                  ? 
_reflns.limit_l_max                  ? 
_reflns.limit_l_min                  ? 
_reflns.observed_criterion_F_max     ? 
_reflns.observed_criterion_F_min     ? 
_reflns.pdbx_ordinal                 1 
_reflns.pdbx_diffrn_id               1 
# 
_refine.entry_id                                 1F1O 
_refine.ls_number_reflns_obs                     19909 
_refine.ls_number_reflns_all                     22850 
_refine.pdbx_ls_sigma_I                          ? 
_refine.pdbx_ls_sigma_F                          ? 
_refine.pdbx_data_cutoff_high_absF               ? 
_refine.pdbx_data_cutoff_low_absF                ? 
_refine.ls_d_res_low                             50.0 
_refine.ls_d_res_high                            3.25 
_refine.ls_percent_reflns_obs                    ? 
_refine.ls_R_factor_obs                          ? 
_refine.ls_R_factor_all                          ? 
_refine.ls_R_factor_R_work                       0.3360000 
_refine.ls_R_factor_R_free                       0.3550000 
_refine.ls_R_factor_R_free_error                 ? 
_refine.ls_R_factor_R_free_error_details         ? 
_refine.ls_percent_reflns_R_free                 ? 
_refine.ls_number_reflns_R_free                  962 
_refine.ls_number_parameters                     ? 
_refine.ls_number_restraints                     ? 
_refine.occupancy_min                            ? 
_refine.occupancy_max                            ? 
_refine.B_iso_mean                               ? 
_refine.aniso_B[1][1]                            0.494 
_refine.aniso_B[2][2]                            0.494 
_refine.aniso_B[3][3]                            -0.989 
_refine.aniso_B[1][2]                            -2.949 
_refine.aniso_B[1][3]                            0.000 
_refine.aniso_B[2][3]                            0.000 
_refine.solvent_model_details                    ? 
_refine.solvent_model_param_ksol                 ? 
_refine.solvent_model_param_bsol                 ? 
_refine.pdbx_ls_cross_valid_method               ? 
_refine.details                                  ? 
_refine.pdbx_starting_model                      ? 
_refine.pdbx_method_to_determine_struct          ? 
_refine.pdbx_isotropic_thermal_model             ? 
_refine.pdbx_stereochemistry_target_values       'Engh & Huber' 
_refine.pdbx_stereochem_target_val_spec_case     ? 
_refine.pdbx_R_Free_selection_details            random 
_refine.pdbx_overall_ESU_R_Free                  ? 
_refine.overall_SU_B                             ? 
_refine.ls_redundancy_reflns_obs                 ? 
_refine.B_iso_min                                ? 
_refine.B_iso_max                                ? 
_refine.overall_SU_ML                            ? 
_refine.pdbx_overall_ESU_R                       ? 
_refine.pdbx_data_cutoff_high_rms_absF           ? 
_refine.correlation_coeff_Fo_to_Fc               ? 
_refine.correlation_coeff_Fo_to_Fc_free          ? 
_refine.overall_SU_R_Cruickshank_DPI             ? 
_refine.overall_SU_R_free                        ? 
_refine.pdbx_refine_id                           'X-RAY DIFFRACTION' 
_refine.pdbx_diffrn_id                           1 
_refine.pdbx_TLS_residual_ADP_flag               ? 
_refine.pdbx_solvent_vdw_probe_radii             ? 
_refine.pdbx_solvent_ion_probe_radii             ? 
_refine.pdbx_solvent_shrinkage_radii             ? 
_refine.pdbx_overall_phase_error                 ? 
_refine.pdbx_overall_SU_R_free_Cruickshank_DPI   ? 
_refine.pdbx_overall_SU_R_Blow_DPI               ? 
_refine.pdbx_overall_SU_R_free_Blow_DPI          ? 
# 
_refine_hist.pdbx_refine_id                   'X-RAY DIFFRACTION' 
_refine_hist.cycle_id                         LAST 
_refine_hist.pdbx_number_atoms_protein        351 
_refine_hist.pdbx_number_atoms_nucleic_acid   0 
_refine_hist.pdbx_number_atoms_ligand         0 
_refine_hist.number_atoms_solvent             0 
_refine_hist.number_atoms_total               351 
_refine_hist.d_res_high                       3.25 
_refine_hist.d_res_low                        50.0 
# 
loop_
_refine_ls_restr.type 
_refine_ls_restr.dev_ideal 
_refine_ls_restr.dev_ideal_target 
_refine_ls_restr.weight 
_refine_ls_restr.number 
_refine_ls_restr.pdbx_refine_id 
_refine_ls_restr.pdbx_restraint_function 
c_bond_d    0.009 ? ? ? 'X-RAY DIFFRACTION' ? 
c_angle_deg 1.30  ? ? ? 'X-RAY DIFFRACTION' ? 
# 
_pdbx_xplor_file.serial_no        1 
_pdbx_xplor_file.param_file       PROTEIN_REP.PARAM 
_pdbx_xplor_file.topol_file       ? 
_pdbx_xplor_file.pdbx_refine_id   'X-RAY DIFFRACTION' 
# 
_struct.entry_id                  1F1O 
_struct.title                     'STRUCTURAL STUDIES OF ADENYLOSUCCINATE LYASES' 
_struct.pdbx_model_details        ? 
_struct.pdbx_CASP_flag            ? 
_struct.pdbx_model_type_details   ? 
# 
_struct_keywords.entry_id        1F1O 
_struct_keywords.pdbx_keywords   LYASE 
_struct_keywords.text            'purine biosynthesis, LYASE' 
# 
_struct_asym.id                            A 
_struct_asym.pdbx_blank_PDB_chainid_flag   N 
_struct_asym.pdbx_modified                 N 
_struct_asym.entity_id                     1 
_struct_asym.details                       ? 
# 
_struct_ref.id                         1 
_struct_ref.db_code                    PUR8_BACSU 
_struct_ref.db_name                    UNP 
_struct_ref.entity_id                  1 
_struct_ref.pdbx_db_accession          P12047 
_struct_ref.pdbx_align_begin           ? 
_struct_ref.pdbx_seq_one_letter_code   ? 
_struct_ref.pdbx_db_isoform            ? 
# 
_struct_ref_seq.align_id                      1 
_struct_ref_seq.ref_id                        1 
_struct_ref_seq.pdbx_PDB_id_code              1F1O 
_struct_ref_seq.pdbx_strand_id                A 
_struct_ref_seq.seq_align_beg                 1 
_struct_ref_seq.pdbx_seq_align_beg_ins_code   ? 
_struct_ref_seq.seq_align_end                 431 
_struct_ref_seq.pdbx_seq_align_end_ins_code   ? 
_struct_ref_seq.pdbx_db_accession             P12047 
_struct_ref_seq.db_align_beg                  1 
_struct_ref_seq.pdbx_db_align_beg_ins_code    ? 
_struct_ref_seq.db_align_end                  431 
_struct_ref_seq.pdbx_db_align_end_ins_code    ? 
_struct_ref_seq.pdbx_auth_seq_align_beg       1 
_struct_ref_seq.pdbx_auth_seq_align_end       431 
# 
_pdbx_struct_assembly.id                   1 
_pdbx_struct_assembly.details              author_defined_assembly 
_pdbx_struct_assembly.method_details       ? 
_pdbx_struct_assembly.oligomeric_details   monomeric 
_pdbx_struct_assembly.oligomeric_count     1 
# 
_pdbx_struct_assembly_gen.assembly_id       1 
_pdbx_struct_assembly_gen.oper_expression   1 
_pdbx_struct_assembly_gen.asym_id_list      A 
# 
_pdbx_struct_oper_list.id                   1 
_pdbx_struct_oper_list.type                 'identity operation' 
_pdbx_struct_oper_list.name                 1_555 
_pdbx_struct_oper_list.symmetry_operation   x,y,z 
_pdbx_struct_oper_list.matrix[1][1]         1.0000000000 
_pdbx_struct_oper_list.matrix[1][2]         0.0000000000 
_pdbx_struct_oper_list.matrix[1][3]         0.0000000000 
_pdbx_struct_oper_list.vector[1]            0.0000000000 
_pdbx_struct_oper_list.matrix[2][1]         0.0000000000 
_pdbx_struct_oper_list.matrix[2][2]         1.0000000000 
_pdbx_struct_oper_list.matrix[2][3]         0.0000000000 
_pdbx_struct_oper_list.vector[2]            0.0000000000 
_pdbx_struct_oper_list.matrix[3][1]         0.0000000000 
_pdbx_struct_oper_list.matrix[3][2]         0.0000000000 
_pdbx_struct_oper_list.matrix[3][3]         1.0000000000 
_pdbx_struct_oper_list.vector[3]            0.0000000000 
# 
_struct_biol.id                    1 
_struct_biol.details               ? 
_struct_biol.pdbx_parent_biol_id   ? 
# 
_pdbx_database_remark.id     99 
_pdbx_database_remark.text   'The coordinate section in this entry contains CA atoms only' 
# 
loop_
_pdbx_unobs_or_zero_occ_residues.id 
_pdbx_unobs_or_zero_occ_residues.PDB_model_num 
_pdbx_unobs_or_zero_occ_residues.polymer_flag 
_pdbx_unobs_or_zero_occ_residues.occupancy_flag 
_pdbx_unobs_or_zero_occ_residues.auth_asym_id 
_pdbx_unobs_or_zero_occ_residues.auth_comp_id 
_pdbx_unobs_or_zero_occ_residues.auth_seq_id 
_pdbx_unobs_or_zero_occ_residues.PDB_ins_code 
_pdbx_unobs_or_zero_occ_residues.label_asym_id 
_pdbx_unobs_or_zero_occ_residues.label_comp_id 
_pdbx_unobs_or_zero_occ_residues.label_seq_id 
1  1 Y 1 A MET 1   ? A MET 1   
2  1 Y 1 A ILE 2   ? A ILE 2   
3  1 Y 1 A GLU 3   ? A GLU 3   
4  1 Y 1 A ARG 4   ? A ARG 4   
5  1 Y 1 A TYR 5   ? A TYR 5   
6  1 Y 1 A SER 6   ? A SER 6   
7  1 Y 1 A ARG 7   ? A ARG 7   
8  1 Y 1 A PRO 8   ? A PRO 8   
9  1 Y 1 A GLY 138 ? A GLY 138 
10 1 Y 1 A ARG 139 ? A ARG 139 
11 1 Y 1 A ALA 183 ? A ALA 183 
12 1 Y 1 A VAL 184 ? A VAL 184 
13 1 Y 1 A GLY 185 ? A GLY 185 
14 1 Y 1 A THR 186 ? A THR 186 
15 1 Y 1 A TYR 187 ? A TYR 187 
16 1 Y 1 A ALA 188 ? A ALA 188 
17 1 Y 1 A PHE 255 ? A PHE 255 
18 1 Y 1 A ALA 256 ? A ALA 256 
19 1 Y 1 A LYS 257 ? A LYS 257 
20 1 Y 1 A GLY 258 ? A GLY 258 
21 1 Y 1 A GLN 259 ? A GLN 259 
22 1 Y 1 A LYS 260 ? A LYS 260 
23 1 Y 1 A GLY 261 ? A GLY 261 
24 1 Y 1 A SER 262 ? A SER 262 
25 1 Y 1 A MET 345 ? A MET 345 
26 1 Y 1 A ASP 346 ? A ASP 346 
27 1 Y 1 A ARG 347 ? A ARG 347 
28 1 Y 1 A THR 348 ? A THR 348 
29 1 Y 1 A LEU 349 ? A LEU 349 
30 1 Y 1 A GLY 350 ? A GLY 350 
31 1 Y 1 A LEU 361 ? A LEU 361 
32 1 Y 1 A ILE 362 ? A ILE 362 
33 1 Y 1 A ASP 363 ? A ASP 363 
34 1 Y 1 A THR 364 ? A THR 364 
35 1 Y 1 A GLY 365 ? A GLY 365 
36 1 Y 1 A LEU 366 ? A LEU 366 
37 1 Y 1 A THR 367 ? A THR 367 
38 1 Y 1 A ARG 368 ? A ARG 368 
39 1 Y 1 A GLU 369 ? A GLU 369 
40 1 Y 1 A GLU 370 ? A GLU 370 
41 1 Y 1 A ALA 371 ? A ALA 371 
42 1 Y 1 A TYR 372 ? A TYR 372 
43 1 Y 1 A ASP 373 ? A ASP 373 
44 1 Y 1 A THR 374 ? A THR 374 
45 1 Y 1 A VAL 375 ? A VAL 375 
46 1 Y 1 A GLN 376 ? A GLN 376 
47 1 Y 1 A PRO 377 ? A PRO 377 
48 1 Y 1 A LYS 378 ? A LYS 378 
49 1 Y 1 A ALA 379 ? A ALA 379 
50 1 Y 1 A MET 380 ? A MET 380 
51 1 Y 1 A GLU 381 ? A GLU 381 
52 1 Y 1 A ALA 382 ? A ALA 382 
53 1 Y 1 A TRP 383 ? A TRP 383 
54 1 Y 1 A GLU 384 ? A GLU 384 
55 1 Y 1 A LYS 385 ? A LYS 385 
56 1 Y 1 A GLN 386 ? A GLN 386 
57 1 Y 1 A VAL 387 ? A VAL 387 
58 1 Y 1 A PRO 388 ? A PRO 388 
59 1 Y 1 A PHE 389 ? A PHE 389 
60 1 Y 1 A ARG 390 ? A ARG 390 
61 1 Y 1 A GLU 391 ? A GLU 391 
62 1 Y 1 A LEU 392 ? A LEU 392 
63 1 Y 1 A VAL 393 ? A VAL 393 
64 1 Y 1 A GLU 394 ? A GLU 394 
65 1 Y 1 A ALA 395 ? A ALA 395 
66 1 Y 1 A HIS 417 ? A HIS 417 
67 1 Y 1 A LEU 418 ? A LEU 418 
68 1 Y 1 A LYS 419 ? A LYS 419 
69 1 Y 1 A ASN 420 ? A ASN 420 
70 1 Y 1 A VAL 421 ? A VAL 421 
71 1 Y 1 A ASP 422 ? A ASP 422 
72 1 Y 1 A LEU 423 ? A LEU 423 
73 1 Y 1 A ILE 424 ? A ILE 424 
74 1 Y 1 A PHE 425 ? A PHE 425 
75 1 Y 1 A GLU 426 ? A GLU 426 
76 1 Y 1 A ARG 427 ? A ARG 427 
77 1 Y 1 A LEU 428 ? A LEU 428 
78 1 Y 1 A GLY 429 ? A GLY 429 
79 1 Y 1 A LEU 430 ? A LEU 430 
80 1 Y 1 A ALA 431 ? A ALA 431 
# 
loop_
_chem_comp_atom.comp_id 
_chem_comp_atom.atom_id 
_chem_comp_atom.type_symbol 
_chem_comp_atom.pdbx_aromatic_flag 
_chem_comp_atom.pdbx_stereo_config 
_chem_comp_atom.pdbx_ordinal 
ALA N    N N N 1   
ALA CA   C N S 2   
ALA C    C N N 3   
ALA O    O N N 4   
ALA CB   C N N 5   
ALA OXT  O N N 6   
ALA H    H N N 7   
ALA H2   H N N 8   
ALA HA   H N N 9   
ALA HB1  H N N 10  
ALA HB2  H N N 11  
ALA HB3  H N N 12  
ALA HXT  H N N 13  
ARG N    N N N 14  
ARG CA   C N S 15  
ARG C    C N N 16  
ARG O    O N N 17  
ARG CB   C N N 18  
ARG CG   C N N 19  
ARG CD   C N N 20  
ARG NE   N N N 21  
ARG CZ   C N N 22  
ARG NH1  N N N 23  
ARG NH2  N N N 24  
ARG OXT  O N N 25  
ARG H    H N N 26  
ARG H2   H N N 27  
ARG HA   H N N 28  
ARG HB2  H N N 29  
ARG HB3  H N N 30  
ARG HG2  H N N 31  
ARG HG3  H N N 32  
ARG HD2  H N N 33  
ARG HD3  H N N 34  
ARG HE   H N N 35  
ARG HH11 H N N 36  
ARG HH12 H N N 37  
ARG HH21 H N N 38  
ARG HH22 H N N 39  
ARG HXT  H N N 40  
ASN N    N N N 41  
ASN CA   C N S 42  
ASN C    C N N 43  
ASN O    O N N 44  
ASN CB   C N N 45  
ASN CG   C N N 46  
ASN OD1  O N N 47  
ASN ND2  N N N 48  
ASN OXT  O N N 49  
ASN H    H N N 50  
ASN H2   H N N 51  
ASN HA   H N N 52  
ASN HB2  H N N 53  
ASN HB3  H N N 54  
ASN HD21 H N N 55  
ASN HD22 H N N 56  
ASN HXT  H N N 57  
ASP N    N N N 58  
ASP CA   C N S 59  
ASP C    C N N 60  
ASP O    O N N 61  
ASP CB   C N N 62  
ASP CG   C N N 63  
ASP OD1  O N N 64  
ASP OD2  O N N 65  
ASP OXT  O N N 66  
ASP H    H N N 67  
ASP H2   H N N 68  
ASP HA   H N N 69  
ASP HB2  H N N 70  
ASP HB3  H N N 71  
ASP HD2  H N N 72  
ASP HXT  H N N 73  
CYS N    N N N 74  
CYS CA   C N R 75  
CYS C    C N N 76  
CYS O    O N N 77  
CYS CB   C N N 78  
CYS SG   S N N 79  
CYS OXT  O N N 80  
CYS H    H N N 81  
CYS H2   H N N 82  
CYS HA   H N N 83  
CYS HB2  H N N 84  
CYS HB3  H N N 85  
CYS HG   H N N 86  
CYS HXT  H N N 87  
GLN N    N N N 88  
GLN CA   C N S 89  
GLN C    C N N 90  
GLN O    O N N 91  
GLN CB   C N N 92  
GLN CG   C N N 93  
GLN CD   C N N 94  
GLN OE1  O N N 95  
GLN NE2  N N N 96  
GLN OXT  O N N 97  
GLN H    H N N 98  
GLN H2   H N N 99  
GLN HA   H N N 100 
GLN HB2  H N N 101 
GLN HB3  H N N 102 
GLN HG2  H N N 103 
GLN HG3  H N N 104 
GLN HE21 H N N 105 
GLN HE22 H N N 106 
GLN HXT  H N N 107 
GLU N    N N N 108 
GLU CA   C N S 109 
GLU C    C N N 110 
GLU O    O N N 111 
GLU CB   C N N 112 
GLU CG   C N N 113 
GLU CD   C N N 114 
GLU OE1  O N N 115 
GLU OE2  O N N 116 
GLU OXT  O N N 117 
GLU H    H N N 118 
GLU H2   H N N 119 
GLU HA   H N N 120 
GLU HB2  H N N 121 
GLU HB3  H N N 122 
GLU HG2  H N N 123 
GLU HG3  H N N 124 
GLU HE2  H N N 125 
GLU HXT  H N N 126 
GLY N    N N N 127 
GLY CA   C N N 128 
GLY C    C N N 129 
GLY O    O N N 130 
GLY OXT  O N N 131 
GLY H    H N N 132 
GLY H2   H N N 133 
GLY HA2  H N N 134 
GLY HA3  H N N 135 
GLY HXT  H N N 136 
HIS N    N N N 137 
HIS CA   C N S 138 
HIS C    C N N 139 
HIS O    O N N 140 
HIS CB   C N N 141 
HIS CG   C Y N 142 
HIS ND1  N Y N 143 
HIS CD2  C Y N 144 
HIS CE1  C Y N 145 
HIS NE2  N Y N 146 
HIS OXT  O N N 147 
HIS H    H N N 148 
HIS H2   H N N 149 
HIS HA   H N N 150 
HIS HB2  H N N 151 
HIS HB3  H N N 152 
HIS HD1  H N N 153 
HIS HD2  H N N 154 
HIS HE1  H N N 155 
HIS HE2  H N N 156 
HIS HXT  H N N 157 
ILE N    N N N 158 
ILE CA   C N S 159 
ILE C    C N N 160 
ILE O    O N N 161 
ILE CB   C N S 162 
ILE CG1  C N N 163 
ILE CG2  C N N 164 
ILE CD1  C N N 165 
ILE OXT  O N N 166 
ILE H    H N N 167 
ILE H2   H N N 168 
ILE HA   H N N 169 
ILE HB   H N N 170 
ILE HG12 H N N 171 
ILE HG13 H N N 172 
ILE HG21 H N N 173 
ILE HG22 H N N 174 
ILE HG23 H N N 175 
ILE HD11 H N N 176 
ILE HD12 H N N 177 
ILE HD13 H N N 178 
ILE HXT  H N N 179 
LEU N    N N N 180 
LEU CA   C N S 181 
LEU C    C N N 182 
LEU O    O N N 183 
LEU CB   C N N 184 
LEU CG   C N N 185 
LEU CD1  C N N 186 
LEU CD2  C N N 187 
LEU OXT  O N N 188 
LEU H    H N N 189 
LEU H2   H N N 190 
LEU HA   H N N 191 
LEU HB2  H N N 192 
LEU HB3  H N N 193 
LEU HG   H N N 194 
LEU HD11 H N N 195 
LEU HD12 H N N 196 
LEU HD13 H N N 197 
LEU HD21 H N N 198 
LEU HD22 H N N 199 
LEU HD23 H N N 200 
LEU HXT  H N N 201 
LYS N    N N N 202 
LYS CA   C N S 203 
LYS C    C N N 204 
LYS O    O N N 205 
LYS CB   C N N 206 
LYS CG   C N N 207 
LYS CD   C N N 208 
LYS CE   C N N 209 
LYS NZ   N N N 210 
LYS OXT  O N N 211 
LYS H    H N N 212 
LYS H2   H N N 213 
LYS HA   H N N 214 
LYS HB2  H N N 215 
LYS HB3  H N N 216 
LYS HG2  H N N 217 
LYS HG3  H N N 218 
LYS HD2  H N N 219 
LYS HD3  H N N 220 
LYS HE2  H N N 221 
LYS HE3  H N N 222 
LYS HZ1  H N N 223 
LYS HZ2  H N N 224 
LYS HZ3  H N N 225 
LYS HXT  H N N 226 
MET N    N N N 227 
MET CA   C N S 228 
MET C    C N N 229 
MET O    O N N 230 
MET CB   C N N 231 
MET CG   C N N 232 
MET SD   S N N 233 
MET CE   C N N 234 
MET OXT  O N N 235 
MET H    H N N 236 
MET H2   H N N 237 
MET HA   H N N 238 
MET HB2  H N N 239 
MET HB3  H N N 240 
MET HG2  H N N 241 
MET HG3  H N N 242 
MET HE1  H N N 243 
MET HE2  H N N 244 
MET HE3  H N N 245 
MET HXT  H N N 246 
PHE N    N N N 247 
PHE CA   C N S 248 
PHE C    C N N 249 
PHE O    O N N 250 
PHE CB   C N N 251 
PHE CG   C Y N 252 
PHE CD1  C Y N 253 
PHE CD2  C Y N 254 
PHE CE1  C Y N 255 
PHE CE2  C Y N 256 
PHE CZ   C Y N 257 
PHE OXT  O N N 258 
PHE H    H N N 259 
PHE H2   H N N 260 
PHE HA   H N N 261 
PHE HB2  H N N 262 
PHE HB3  H N N 263 
PHE HD1  H N N 264 
PHE HD2  H N N 265 
PHE HE1  H N N 266 
PHE HE2  H N N 267 
PHE HZ   H N N 268 
PHE HXT  H N N 269 
PRO N    N N N 270 
PRO CA   C N S 271 
PRO C    C N N 272 
PRO O    O N N 273 
PRO CB   C N N 274 
PRO CG   C N N 275 
PRO CD   C N N 276 
PRO OXT  O N N 277 
PRO H    H N N 278 
PRO HA   H N N 279 
PRO HB2  H N N 280 
PRO HB3  H N N 281 
PRO HG2  H N N 282 
PRO HG3  H N N 283 
PRO HD2  H N N 284 
PRO HD3  H N N 285 
PRO HXT  H N N 286 
SER N    N N N 287 
SER CA   C N S 288 
SER C    C N N 289 
SER O    O N N 290 
SER CB   C N N 291 
SER OG   O N N 292 
SER OXT  O N N 293 
SER H    H N N 294 
SER H2   H N N 295 
SER HA   H N N 296 
SER HB2  H N N 297 
SER HB3  H N N 298 
SER HG   H N N 299 
SER HXT  H N N 300 
THR N    N N N 301 
THR CA   C N S 302 
THR C    C N N 303 
THR O    O N N 304 
THR CB   C N R 305 
THR OG1  O N N 306 
THR CG2  C N N 307 
THR OXT  O N N 308 
THR H    H N N 309 
THR H2   H N N 310 
THR HA   H N N 311 
THR HB   H N N 312 
THR HG1  H N N 313 
THR HG21 H N N 314 
THR HG22 H N N 315 
THR HG23 H N N 316 
THR HXT  H N N 317 
TRP N    N N N 318 
TRP CA   C N S 319 
TRP C    C N N 320 
TRP O    O N N 321 
TRP CB   C N N 322 
TRP CG   C Y N 323 
TRP CD1  C Y N 324 
TRP CD2  C Y N 325 
TRP NE1  N Y N 326 
TRP CE2  C Y N 327 
TRP CE3  C Y N 328 
TRP CZ2  C Y N 329 
TRP CZ3  C Y N 330 
TRP CH2  C Y N 331 
TRP OXT  O N N 332 
TRP H    H N N 333 
TRP H2   H N N 334 
TRP HA   H N N 335 
TRP HB2  H N N 336 
TRP HB3  H N N 337 
TRP HD1  H N N 338 
TRP HE1  H N N 339 
TRP HE3  H N N 340 
TRP HZ2  H N N 341 
TRP HZ3  H N N 342 
TRP HH2  H N N 343 
TRP HXT  H N N 344 
TYR N    N N N 345 
TYR CA   C N S 346 
TYR C    C N N 347 
TYR O    O N N 348 
TYR CB   C N N 349 
TYR CG   C Y N 350 
TYR CD1  C Y N 351 
TYR CD2  C Y N 352 
TYR CE1  C Y N 353 
TYR CE2  C Y N 354 
TYR CZ   C Y N 355 
TYR OH   O N N 356 
TYR OXT  O N N 357 
TYR H    H N N 358 
TYR H2   H N N 359 
TYR HA   H N N 360 
TYR HB2  H N N 361 
TYR HB3  H N N 362 
TYR HD1  H N N 363 
TYR HD2  H N N 364 
TYR HE1  H N N 365 
TYR HE2  H N N 366 
TYR HH   H N N 367 
TYR HXT  H N N 368 
VAL N    N N N 369 
VAL CA   C N S 370 
VAL C    C N N 371 
VAL O    O N N 372 
VAL CB   C N N 373 
VAL CG1  C N N 374 
VAL CG2  C N N 375 
VAL OXT  O N N 376 
VAL H    H N N 377 
VAL H2   H N N 378 
VAL HA   H N N 379 
VAL HB   H N N 380 
VAL HG11 H N N 381 
VAL HG12 H N N 382 
VAL HG13 H N N 383 
VAL HG21 H N N 384 
VAL HG22 H N N 385 
VAL HG23 H N N 386 
VAL HXT  H N N 387 
# 
loop_
_chem_comp_bond.comp_id 
_chem_comp_bond.atom_id_1 
_chem_comp_bond.atom_id_2 
_chem_comp_bond.value_order 
_chem_comp_bond.pdbx_aromatic_flag 
_chem_comp_bond.pdbx_stereo_config 
_chem_comp_bond.pdbx_ordinal 
ALA N   CA   sing N N 1   
ALA N   H    sing N N 2   
ALA N   H2   sing N N 3   
ALA CA  C    sing N N 4   
ALA CA  CB   sing N N 5   
ALA CA  HA   sing N N 6   
ALA C   O    doub N N 7   
ALA C   OXT  sing N N 8   
ALA CB  HB1  sing N N 9   
ALA CB  HB2  sing N N 10  
ALA CB  HB3  sing N N 11  
ALA OXT HXT  sing N N 12  
ARG N   CA   sing N N 13  
ARG N   H    sing N N 14  
ARG N   H2   sing N N 15  
ARG CA  C    sing N N 16  
ARG CA  CB   sing N N 17  
ARG CA  HA   sing N N 18  
ARG C   O    doub N N 19  
ARG C   OXT  sing N N 20  
ARG CB  CG   sing N N 21  
ARG CB  HB2  sing N N 22  
ARG CB  HB3  sing N N 23  
ARG CG  CD   sing N N 24  
ARG CG  HG2  sing N N 25  
ARG CG  HG3  sing N N 26  
ARG CD  NE   sing N N 27  
ARG CD  HD2  sing N N 28  
ARG CD  HD3  sing N N 29  
ARG NE  CZ   sing N N 30  
ARG NE  HE   sing N N 31  
ARG CZ  NH1  sing N N 32  
ARG CZ  NH2  doub N N 33  
ARG NH1 HH11 sing N N 34  
ARG NH1 HH12 sing N N 35  
ARG NH2 HH21 sing N N 36  
ARG NH2 HH22 sing N N 37  
ARG OXT HXT  sing N N 38  
ASN N   CA   sing N N 39  
ASN N   H    sing N N 40  
ASN N   H2   sing N N 41  
ASN CA  C    sing N N 42  
ASN CA  CB   sing N N 43  
ASN CA  HA   sing N N 44  
ASN C   O    doub N N 45  
ASN C   OXT  sing N N 46  
ASN CB  CG   sing N N 47  
ASN CB  HB2  sing N N 48  
ASN CB  HB3  sing N N 49  
ASN CG  OD1  doub N N 50  
ASN CG  ND2  sing N N 51  
ASN ND2 HD21 sing N N 52  
ASN ND2 HD22 sing N N 53  
ASN OXT HXT  sing N N 54  
ASP N   CA   sing N N 55  
ASP N   H    sing N N 56  
ASP N   H2   sing N N 57  
ASP CA  C    sing N N 58  
ASP CA  CB   sing N N 59  
ASP CA  HA   sing N N 60  
ASP C   O    doub N N 61  
ASP C   OXT  sing N N 62  
ASP CB  CG   sing N N 63  
ASP CB  HB2  sing N N 64  
ASP CB  HB3  sing N N 65  
ASP CG  OD1  doub N N 66  
ASP CG  OD2  sing N N 67  
ASP OD2 HD2  sing N N 68  
ASP OXT HXT  sing N N 69  
CYS N   CA   sing N N 70  
CYS N   H    sing N N 71  
CYS N   H2   sing N N 72  
CYS CA  C    sing N N 73  
CYS CA  CB   sing N N 74  
CYS CA  HA   sing N N 75  
CYS C   O    doub N N 76  
CYS C   OXT  sing N N 77  
CYS CB  SG   sing N N 78  
CYS CB  HB2  sing N N 79  
CYS CB  HB3  sing N N 80  
CYS SG  HG   sing N N 81  
CYS OXT HXT  sing N N 82  
GLN N   CA   sing N N 83  
GLN N   H    sing N N 84  
GLN N   H2   sing N N 85  
GLN CA  C    sing N N 86  
GLN CA  CB   sing N N 87  
GLN CA  HA   sing N N 88  
GLN C   O    doub N N 89  
GLN C   OXT  sing N N 90  
GLN CB  CG   sing N N 91  
GLN CB  HB2  sing N N 92  
GLN CB  HB3  sing N N 93  
GLN CG  CD   sing N N 94  
GLN CG  HG2  sing N N 95  
GLN CG  HG3  sing N N 96  
GLN CD  OE1  doub N N 97  
GLN CD  NE2  sing N N 98  
GLN NE2 HE21 sing N N 99  
GLN NE2 HE22 sing N N 100 
GLN OXT HXT  sing N N 101 
GLU N   CA   sing N N 102 
GLU N   H    sing N N 103 
GLU N   H2   sing N N 104 
GLU CA  C    sing N N 105 
GLU CA  CB   sing N N 106 
GLU CA  HA   sing N N 107 
GLU C   O    doub N N 108 
GLU C   OXT  sing N N 109 
GLU CB  CG   sing N N 110 
GLU CB  HB2  sing N N 111 
GLU CB  HB3  sing N N 112 
GLU CG  CD   sing N N 113 
GLU CG  HG2  sing N N 114 
GLU CG  HG3  sing N N 115 
GLU CD  OE1  doub N N 116 
GLU CD  OE2  sing N N 117 
GLU OE2 HE2  sing N N 118 
GLU OXT HXT  sing N N 119 
GLY N   CA   sing N N 120 
GLY N   H    sing N N 121 
GLY N   H2   sing N N 122 
GLY CA  C    sing N N 123 
GLY CA  HA2  sing N N 124 
GLY CA  HA3  sing N N 125 
GLY C   O    doub N N 126 
GLY C   OXT  sing N N 127 
GLY OXT HXT  sing N N 128 
HIS N   CA   sing N N 129 
HIS N   H    sing N N 130 
HIS N   H2   sing N N 131 
HIS CA  C    sing N N 132 
HIS CA  CB   sing N N 133 
HIS CA  HA   sing N N 134 
HIS C   O    doub N N 135 
HIS C   OXT  sing N N 136 
HIS CB  CG   sing N N 137 
HIS CB  HB2  sing N N 138 
HIS CB  HB3  sing N N 139 
HIS CG  ND1  sing Y N 140 
HIS CG  CD2  doub Y N 141 
HIS ND1 CE1  doub Y N 142 
HIS ND1 HD1  sing N N 143 
HIS CD2 NE2  sing Y N 144 
HIS CD2 HD2  sing N N 145 
HIS CE1 NE2  sing Y N 146 
HIS CE1 HE1  sing N N 147 
HIS NE2 HE2  sing N N 148 
HIS OXT HXT  sing N N 149 
ILE N   CA   sing N N 150 
ILE N   H    sing N N 151 
ILE N   H2   sing N N 152 
ILE CA  C    sing N N 153 
ILE CA  CB   sing N N 154 
ILE CA  HA   sing N N 155 
ILE C   O    doub N N 156 
ILE C   OXT  sing N N 157 
ILE CB  CG1  sing N N 158 
ILE CB  CG2  sing N N 159 
ILE CB  HB   sing N N 160 
ILE CG1 CD1  sing N N 161 
ILE CG1 HG12 sing N N 162 
ILE CG1 HG13 sing N N 163 
ILE CG2 HG21 sing N N 164 
ILE CG2 HG22 sing N N 165 
ILE CG2 HG23 sing N N 166 
ILE CD1 HD11 sing N N 167 
ILE CD1 HD12 sing N N 168 
ILE CD1 HD13 sing N N 169 
ILE OXT HXT  sing N N 170 
LEU N   CA   sing N N 171 
LEU N   H    sing N N 172 
LEU N   H2   sing N N 173 
LEU CA  C    sing N N 174 
LEU CA  CB   sing N N 175 
LEU CA  HA   sing N N 176 
LEU C   O    doub N N 177 
LEU C   OXT  sing N N 178 
LEU CB  CG   sing N N 179 
LEU CB  HB2  sing N N 180 
LEU CB  HB3  sing N N 181 
LEU CG  CD1  sing N N 182 
LEU CG  CD2  sing N N 183 
LEU CG  HG   sing N N 184 
LEU CD1 HD11 sing N N 185 
LEU CD1 HD12 sing N N 186 
LEU CD1 HD13 sing N N 187 
LEU CD2 HD21 sing N N 188 
LEU CD2 HD22 sing N N 189 
LEU CD2 HD23 sing N N 190 
LEU OXT HXT  sing N N 191 
LYS N   CA   sing N N 192 
LYS N   H    sing N N 193 
LYS N   H2   sing N N 194 
LYS CA  C    sing N N 195 
LYS CA  CB   sing N N 196 
LYS CA  HA   sing N N 197 
LYS C   O    doub N N 198 
LYS C   OXT  sing N N 199 
LYS CB  CG   sing N N 200 
LYS CB  HB2  sing N N 201 
LYS CB  HB3  sing N N 202 
LYS CG  CD   sing N N 203 
LYS CG  HG2  sing N N 204 
LYS CG  HG3  sing N N 205 
LYS CD  CE   sing N N 206 
LYS CD  HD2  sing N N 207 
LYS CD  HD3  sing N N 208 
LYS CE  NZ   sing N N 209 
LYS CE  HE2  sing N N 210 
LYS CE  HE3  sing N N 211 
LYS NZ  HZ1  sing N N 212 
LYS NZ  HZ2  sing N N 213 
LYS NZ  HZ3  sing N N 214 
LYS OXT HXT  sing N N 215 
MET N   CA   sing N N 216 
MET N   H    sing N N 217 
MET N   H2   sing N N 218 
MET CA  C    sing N N 219 
MET CA  CB   sing N N 220 
MET CA  HA   sing N N 221 
MET C   O    doub N N 222 
MET C   OXT  sing N N 223 
MET CB  CG   sing N N 224 
MET CB  HB2  sing N N 225 
MET CB  HB3  sing N N 226 
MET CG  SD   sing N N 227 
MET CG  HG2  sing N N 228 
MET CG  HG3  sing N N 229 
MET SD  CE   sing N N 230 
MET CE  HE1  sing N N 231 
MET CE  HE2  sing N N 232 
MET CE  HE3  sing N N 233 
MET OXT HXT  sing N N 234 
PHE N   CA   sing N N 235 
PHE N   H    sing N N 236 
PHE N   H2   sing N N 237 
PHE CA  C    sing N N 238 
PHE CA  CB   sing N N 239 
PHE CA  HA   sing N N 240 
PHE C   O    doub N N 241 
PHE C   OXT  sing N N 242 
PHE CB  CG   sing N N 243 
PHE CB  HB2  sing N N 244 
PHE CB  HB3  sing N N 245 
PHE CG  CD1  doub Y N 246 
PHE CG  CD2  sing Y N 247 
PHE CD1 CE1  sing Y N 248 
PHE CD1 HD1  sing N N 249 
PHE CD2 CE2  doub Y N 250 
PHE CD2 HD2  sing N N 251 
PHE CE1 CZ   doub Y N 252 
PHE CE1 HE1  sing N N 253 
PHE CE2 CZ   sing Y N 254 
PHE CE2 HE2  sing N N 255 
PHE CZ  HZ   sing N N 256 
PHE OXT HXT  sing N N 257 
PRO N   CA   sing N N 258 
PRO N   CD   sing N N 259 
PRO N   H    sing N N 260 
PRO CA  C    sing N N 261 
PRO CA  CB   sing N N 262 
PRO CA  HA   sing N N 263 
PRO C   O    doub N N 264 
PRO C   OXT  sing N N 265 
PRO CB  CG   sing N N 266 
PRO CB  HB2  sing N N 267 
PRO CB  HB3  sing N N 268 
PRO CG  CD   sing N N 269 
PRO CG  HG2  sing N N 270 
PRO CG  HG3  sing N N 271 
PRO CD  HD2  sing N N 272 
PRO CD  HD3  sing N N 273 
PRO OXT HXT  sing N N 274 
SER N   CA   sing N N 275 
SER N   H    sing N N 276 
SER N   H2   sing N N 277 
SER CA  C    sing N N 278 
SER CA  CB   sing N N 279 
SER CA  HA   sing N N 280 
SER C   O    doub N N 281 
SER C   OXT  sing N N 282 
SER CB  OG   sing N N 283 
SER CB  HB2  sing N N 284 
SER CB  HB3  sing N N 285 
SER OG  HG   sing N N 286 
SER OXT HXT  sing N N 287 
THR N   CA   sing N N 288 
THR N   H    sing N N 289 
THR N   H2   sing N N 290 
THR CA  C    sing N N 291 
THR CA  CB   sing N N 292 
THR CA  HA   sing N N 293 
THR C   O    doub N N 294 
THR C   OXT  sing N N 295 
THR CB  OG1  sing N N 296 
THR CB  CG2  sing N N 297 
THR CB  HB   sing N N 298 
THR OG1 HG1  sing N N 299 
THR CG2 HG21 sing N N 300 
THR CG2 HG22 sing N N 301 
THR CG2 HG23 sing N N 302 
THR OXT HXT  sing N N 303 
TRP N   CA   sing N N 304 
TRP N   H    sing N N 305 
TRP N   H2   sing N N 306 
TRP CA  C    sing N N 307 
TRP CA  CB   sing N N 308 
TRP CA  HA   sing N N 309 
TRP C   O    doub N N 310 
TRP C   OXT  sing N N 311 
TRP CB  CG   sing N N 312 
TRP CB  HB2  sing N N 313 
TRP CB  HB3  sing N N 314 
TRP CG  CD1  doub Y N 315 
TRP CG  CD2  sing Y N 316 
TRP CD1 NE1  sing Y N 317 
TRP CD1 HD1  sing N N 318 
TRP CD2 CE2  doub Y N 319 
TRP CD2 CE3  sing Y N 320 
TRP NE1 CE2  sing Y N 321 
TRP NE1 HE1  sing N N 322 
TRP CE2 CZ2  sing Y N 323 
TRP CE3 CZ3  doub Y N 324 
TRP CE3 HE3  sing N N 325 
TRP CZ2 CH2  doub Y N 326 
TRP CZ2 HZ2  sing N N 327 
TRP CZ3 CH2  sing Y N 328 
TRP CZ3 HZ3  sing N N 329 
TRP CH2 HH2  sing N N 330 
TRP OXT HXT  sing N N 331 
TYR N   CA   sing N N 332 
TYR N   H    sing N N 333 
TYR N   H2   sing N N 334 
TYR CA  C    sing N N 335 
TYR CA  CB   sing N N 336 
TYR CA  HA   sing N N 337 
TYR C   O    doub N N 338 
TYR C   OXT  sing N N 339 
TYR CB  CG   sing N N 340 
TYR CB  HB2  sing N N 341 
TYR CB  HB3  sing N N 342 
TYR CG  CD1  doub Y N 343 
TYR CG  CD2  sing Y N 344 
TYR CD1 CE1  sing Y N 345 
TYR CD1 HD1  sing N N 346 
TYR CD2 CE2  doub Y N 347 
TYR CD2 HD2  sing N N 348 
TYR CE1 CZ   doub Y N 349 
TYR CE1 HE1  sing N N 350 
TYR CE2 CZ   sing Y N 351 
TYR CE2 HE2  sing N N 352 
TYR CZ  OH   sing N N 353 
TYR OH  HH   sing N N 354 
TYR OXT HXT  sing N N 355 
VAL N   CA   sing N N 356 
VAL N   H    sing N N 357 
VAL N   H2   sing N N 358 
VAL CA  C    sing N N 359 
VAL CA  CB   sing N N 360 
VAL CA  HA   sing N N 361 
VAL C   O    doub N N 362 
VAL C   OXT  sing N N 363 
VAL CB  CG1  sing N N 364 
VAL CB  CG2  sing N N 365 
VAL CB  HB   sing N N 366 
VAL CG1 HG11 sing N N 367 
VAL CG1 HG12 sing N N 368 
VAL CG1 HG13 sing N N 369 
VAL CG2 HG21 sing N N 370 
VAL CG2 HG22 sing N N 371 
VAL CG2 HG23 sing N N 372 
VAL OXT HXT  sing N N 373 
# 
_pdbx_coordinate_model.asym_id   A 
_pdbx_coordinate_model.type      'CA ATOMS ONLY' 
# 
_atom_sites.entry_id                    1F1O 
_atom_sites.fract_transf_matrix[1][1]   0.00836639 
_atom_sites.fract_transf_matrix[1][2]   0.00210963 
_atom_sites.fract_transf_matrix[1][3]   0.00223968 
_atom_sites.fract_transf_matrix[2][1]   0.00448489 
_atom_sites.fract_transf_matrix[2][2]   0.00607689 
_atom_sites.fract_transf_matrix[2][3]   -0.00473649 
_atom_sites.fract_transf_matrix[3][1]   -0.00121573 
_atom_sites.fract_transf_matrix[3][2]   0.00255853 
_atom_sites.fract_transf_matrix[3][3]   0.00213142 
_atom_sites.fract_transf_vector[1]      0.795248 
_atom_sites.fract_transf_vector[2]      0.259179 
_atom_sites.fract_transf_vector[3]      0.389989 
# 
_atom_type.symbol   C 
# 
loop_
_atom_site.group_PDB 
_atom_site.id 
_atom_site.type_symbol 
_atom_site.label_atom_id 
_atom_site.label_alt_id 
_atom_site.label_comp_id 
_atom_site.label_asym_id 
_atom_site.label_entity_id 
_atom_site.label_seq_id 
_atom_site.pdbx_PDB_ins_code 
_atom_site.Cartn_x 
_atom_site.Cartn_y 
_atom_site.Cartn_z 
_atom_site.occupancy 
_atom_site.B_iso_or_equiv 
_atom_site.pdbx_formal_charge 
_atom_site.auth_seq_id 
_atom_site.auth_comp_id 
_atom_site.auth_asym_id 
_atom_site.auth_atom_id 
_atom_site.pdbx_PDB_model_num 
ATOM 1   C CA . GLU A 1 9   ? -4.506  -1.683  12.009  1.00 104.76 ? 9   GLU A CA 1 
ATOM 2   C CA . MET A 1 10  ? -2.085  0.540   10.076  1.00 58.48  ? 10  MET A CA 1 
ATOM 3   C CA . SER A 1 11  ? -2.425  3.429   12.550  1.00 33.67  ? 11  SER A CA 1 
ATOM 4   C CA . ALA A 1 12  ? -0.904  1.175   15.177  1.00 36.37  ? 12  ALA A CA 1 
ATOM 5   C CA . ILE A 1 13  ? 2.219   0.698   13.123  1.00 50.80  ? 13  ILE A CA 1 
ATOM 6   C CA . TRP A 1 14  ? 3.054   4.399   13.351  1.00 44.69  ? 14  TRP A CA 1 
ATOM 7   C CA . THR A 1 15  ? 2.606   5.272   17.026  1.00 46.27  ? 15  THR A CA 1 
ATOM 8   C CA . ASP A 1 16  ? 5.671   6.652   18.810  1.00 59.71  ? 16  ASP A CA 1 
ATOM 9   C CA . GLU A 1 17  ? 5.537   3.294   20.593  1.00 43.55  ? 17  GLU A CA 1 
ATOM 10  C CA . ASN A 1 18  ? 6.160   0.941   17.645  1.00 56.35  ? 18  ASN A CA 1 
ATOM 11  C CA . ARG A 1 19  ? 8.639   3.531   16.448  1.00 46.89  ? 19  ARG A CA 1 
ATOM 12  C CA . PHE A 1 20  ? 10.759  3.400   19.574  1.00 42.49  ? 20  PHE A CA 1 
ATOM 13  C CA . GLN A 1 21  ? 10.117  -0.338  19.854  1.00 35.74  ? 21  GLN A CA 1 
ATOM 14  C CA . ALA A 1 22  ? 11.148  -0.743  16.222  1.00 72.63  ? 22  ALA A CA 1 
ATOM 15  C CA . TRP A 1 23  ? 14.439  0.894   17.089  1.00 69.01  ? 23  TRP A CA 1 
ATOM 16  C CA . LEU A 1 24  ? 14.779  -1.561  19.959  1.00 54.74  ? 24  LEU A CA 1 
ATOM 17  C CA . GLU A 1 25  ? 14.256  -4.760  17.978  1.00 46.23  ? 25  GLU A CA 1 
ATOM 18  C CA . VAL A 1 26  ? 17.097  -3.391  15.866  1.00 57.68  ? 26  VAL A CA 1 
ATOM 19  C CA . GLU A 1 27  ? 19.345  -2.438  18.771  1.00 98.82  ? 27  GLU A CA 1 
ATOM 20  C CA . ILE A 1 28  ? 19.070  -5.906  20.310  1.00 56.89  ? 28  ILE A CA 1 
ATOM 21  C CA . LEU A 1 29  ? 19.145  -8.080  17.175  1.00 34.50  ? 29  LEU A CA 1 
ATOM 22  C CA . ALA A 1 30  ? 22.184  -5.951  16.312  1.00 58.21  ? 30  ALA A CA 1 
ATOM 23  C CA . CYS A 1 31  ? 24.268  -6.690  19.412  1.00 95.01  ? 31  CYS A CA 1 
ATOM 24  C CA . GLU A 1 32  ? 22.617  -10.104 19.142  1.00 62.63  ? 32  GLU A CA 1 
ATOM 25  C CA . ALA A 1 33  ? 24.527  -10.387 15.867  1.00 105.24 ? 33  ALA A CA 1 
ATOM 26  C CA . TRP A 1 34  ? 27.995  -9.235  16.864  1.00 105.24 ? 34  TRP A CA 1 
ATOM 27  C CA . ALA A 1 35  ? 27.580  -11.695 19.712  1.00 104.51 ? 35  ALA A CA 1 
ATOM 28  C CA . GLU A 1 36  ? 27.210  -14.668 17.370  1.00 80.82  ? 36  GLU A CA 1 
ATOM 29  C CA . LEU A 1 37  ? 30.186  -13.070 15.641  1.00 103.07 ? 37  LEU A CA 1 
ATOM 30  C CA . GLY A 1 38  ? 32.290  -13.764 18.707  1.00 104.62 ? 38  GLY A CA 1 
ATOM 31  C CA . VAL A 1 39  ? 32.761  -10.119 19.618  1.00 104.46 ? 39  VAL A CA 1 
ATOM 32  C CA . ILE A 1 40  ? 30.011  -9.474  22.162  1.00 105.24 ? 40  ILE A CA 1 
ATOM 33  C CA . PRO A 1 41  ? 29.911  -11.907 25.055  1.00 105.24 ? 41  PRO A CA 1 
ATOM 34  C CA . LYS A 1 42  ? 28.708  -15.367 26.070  1.00 105.24 ? 42  LYS A CA 1 
ATOM 35  C CA . GLU A 1 43  ? 24.974  -14.736 25.632  1.00 105.24 ? 43  GLU A CA 1 
ATOM 36  C CA . ASP A 1 44  ? 25.486  -11.491 27.538  1.00 104.59 ? 44  ASP A CA 1 
ATOM 37  C CA . VAL A 1 45  ? 22.773  -10.389 25.117  1.00 103.46 ? 45  VAL A CA 1 
ATOM 38  C CA . LYS A 1 46  ? 20.392  -12.687 26.996  1.00 85.13  ? 46  LYS A CA 1 
ATOM 39  C CA . VAL A 1 47  ? 20.308  -9.847  29.497  1.00 105.24 ? 47  VAL A CA 1 
ATOM 40  C CA . MET A 1 48  ? 19.833  -7.238  26.785  1.00 104.77 ? 48  MET A CA 1 
ATOM 41  C CA . ARG A 1 49  ? 16.894  -9.196  25.366  1.00 82.25  ? 49  ARG A CA 1 
ATOM 42  C CA . GLU A 1 50  ? 15.229  -10.122 28.669  1.00 105.24 ? 50  GLU A CA 1 
ATOM 43  C CA . ASN A 1 51  ? 15.872  -6.573  29.880  1.00 105.24 ? 51  ASN A CA 1 
ATOM 44  C CA . ALA A 1 52  ? 13.122  -3.996  29.299  1.00 105.24 ? 52  ALA A CA 1 
ATOM 45  C CA . SER A 1 53  ? 11.603  -1.405  26.959  1.00 89.22  ? 53  SER A CA 1 
ATOM 46  C CA . PHE A 1 54  ? 11.631  2.380   26.541  1.00 105.24 ? 54  PHE A CA 1 
ATOM 47  C CA . ASP A 1 55  ? 10.021  4.816   29.007  1.00 87.95  ? 55  ASP A CA 1 
ATOM 48  C CA . ILE A 1 56  ? 9.735   8.621   28.748  1.00 105.24 ? 56  ILE A CA 1 
ATOM 49  C CA . ASN A 1 57  ? 12.587  9.482   26.365  1.00 89.96  ? 57  ASN A CA 1 
ATOM 50  C CA . ARG A 1 58  ? 11.380  13.030  25.691  1.00 105.24 ? 58  ARG A CA 1 
ATOM 51  C CA . ILE A 1 59  ? 13.184  13.596  28.985  1.00 105.24 ? 59  ILE A CA 1 
ATOM 52  C CA . LEU A 1 60  ? 16.624  13.291  27.352  1.00 105.24 ? 60  LEU A CA 1 
ATOM 53  C CA . GLU A 1 61  ? 18.513  16.106  25.574  1.00 105.24 ? 61  GLU A CA 1 
ATOM 54  C CA . ILE A 1 62  ? 17.387  18.198  28.560  1.00 105.24 ? 62  ILE A CA 1 
ATOM 55  C CA . GLU A 1 63  ? 14.059  18.446  26.696  1.00 105.24 ? 63  GLU A CA 1 
ATOM 56  C CA . LYS A 1 64  ? 14.695  17.742  23.013  1.00 105.24 ? 64  LYS A CA 1 
ATOM 57  C CA . ASP A 1 65  ? 13.824  15.216  20.291  1.00 105.24 ? 65  ASP A CA 1 
ATOM 58  C CA . THR A 1 66  ? 17.408  13.908  20.248  1.00 105.24 ? 66  THR A CA 1 
ATOM 59  C CA . ARG A 1 67  ? 16.173  10.349  19.752  1.00 73.06  ? 67  ARG A CA 1 
ATOM 60  C CA . HIS A 1 68  ? 18.937  8.701   17.704  1.00 72.92  ? 68  HIS A CA 1 
ATOM 61  C CA . ASP A 1 69  ? 20.981  8.124   20.865  1.00 105.11 ? 69  ASP A CA 1 
ATOM 62  C CA . VAL A 1 70  ? 18.624  9.491   23.520  1.00 86.33  ? 70  VAL A CA 1 
ATOM 63  C CA . VAL A 1 71  ? 16.477  6.399   22.908  1.00 105.24 ? 71  VAL A CA 1 
ATOM 64  C CA . ALA A 1 72  ? 19.201  4.572   24.805  1.00 83.26  ? 72  ALA A CA 1 
ATOM 65  C CA . PHE A 1 73  ? 17.373  5.266   28.059  1.00 74.02  ? 73  PHE A CA 1 
ATOM 66  C CA . THR A 1 74  ? 15.359  2.353   29.424  1.00 105.24 ? 74  THR A CA 1 
ATOM 67  C CA . ARG A 1 75  ? 17.080  0.517   26.568  1.00 105.24 ? 75  ARG A CA 1 
ATOM 68  C CA . ALA A 1 76  ? 20.277  1.080   28.553  1.00 105.24 ? 76  ALA A CA 1 
ATOM 69  C CA . VAL A 1 77  ? 18.967  2.198   31.971  1.00 105.24 ? 77  VAL A CA 1 
ATOM 70  C CA . SER A 1 78  ? 16.681  -0.789  32.531  1.00 73.16  ? 78  SER A CA 1 
ATOM 71  C CA . GLU A 1 79  ? 19.570  -3.115  31.685  1.00 105.24 ? 79  GLU A CA 1 
ATOM 72  C CA . SER A 1 80  ? 22.861  -1.767  33.080  1.00 105.24 ? 80  SER A CA 1 
ATOM 73  C CA . LEU A 1 81  ? 25.051  -2.695  30.079  1.00 105.24 ? 81  LEU A CA 1 
ATOM 74  C CA . GLY A 1 82  ? 26.666  -1.339  26.895  1.00 105.24 ? 82  GLY A CA 1 
ATOM 75  C CA . GLU A 1 83  ? 25.007  -2.331  23.621  1.00 105.24 ? 83  GLU A CA 1 
ATOM 76  C CA . GLU A 1 84  ? 23.347  0.979   22.761  1.00 105.24 ? 84  GLU A CA 1 
ATOM 77  C CA . ARG A 1 85  ? 24.276  1.616   19.128  1.00 105.24 ? 85  ARG A CA 1 
ATOM 78  C CA . LYS A 1 86  ? 27.164  -0.696  19.932  1.00 74.41  ? 86  LYS A CA 1 
ATOM 79  C CA . TRP A 1 87  ? 29.325  0.396   16.993  1.00 82.04  ? 87  TRP A CA 1 
ATOM 80  C CA . VAL A 1 88  ? 26.101  1.018   15.059  1.00 87.19  ? 88  VAL A CA 1 
ATOM 81  C CA . HIS A 1 89  ? 25.055  4.441   13.721  1.00 88.42  ? 89  HIS A CA 1 
ATOM 82  C CA . TYR A 1 90  ? 21.797  6.233   14.496  1.00 54.55  ? 90  TYR A CA 1 
ATOM 83  C CA . GLY A 1 91  ? 20.941  6.425   10.787  1.00 66.95  ? 91  GLY A CA 1 
ATOM 84  C CA . LEU A 1 92  ? 21.825  2.733   10.645  1.00 64.25  ? 92  LEU A CA 1 
ATOM 85  C CA . THR A 1 93  ? 19.058  2.213   13.214  1.00 50.13  ? 93  THR A CA 1 
ATOM 86  C CA . SER A 1 94  ? 16.559  4.847   12.126  1.00 53.91  ? 94  SER A CA 1 
ATOM 87  C CA . THR A 1 95  ? 16.250  4.355   8.341   1.00 56.48  ? 95  THR A CA 1 
ATOM 88  C CA . ASP A 1 96  ? 16.397  0.624   9.039   1.00 45.68  ? 96  ASP A CA 1 
ATOM 89  C CA . VAL A 1 97  ? 13.616  0.834   11.575  1.00 45.45  ? 97  VAL A CA 1 
ATOM 90  C CA . VAL A 1 98  ? 11.764  2.922   9.008   1.00 31.84  ? 98  VAL A CA 1 
ATOM 91  C CA . ASP A 1 99  ? 12.193  0.288   6.350   1.00 32.33  ? 99  ASP A CA 1 
ATOM 92  C CA . THR A 1 100 ? 11.061  -2.227  8.979   1.00 60.75  ? 100 THR A CA 1 
ATOM 93  C CA . ALA A 1 101 ? 7.988   -0.314  10.013  1.00 29.81  ? 101 ALA A CA 1 
ATOM 94  C CA . LEU A 1 102 ? 7.352   0.333   6.330   1.00 45.86  ? 102 LEU A CA 1 
ATOM 95  C CA . SER A 1 103 ? 7.425   -3.477  5.837   1.00 41.21  ? 103 SER A CA 1 
ATOM 96  C CA . TYR A 1 104 ? 5.252   -4.270  8.816   1.00 28.58  ? 104 TYR A CA 1 
ATOM 97  C CA . LEU A 1 105 ? 2.829   -1.972  6.983   1.00 34.55  ? 105 LEU A CA 1 
ATOM 98  C CA . LEU A 1 106 ? 3.403   -3.145  3.437   1.00 51.62  ? 106 LEU A CA 1 
ATOM 99  C CA . LYS A 1 107 ? 2.401   -6.492  4.994   1.00 50.00  ? 107 LYS A CA 1 
ATOM 100 C CA . GLN A 1 108 ? -1.144  -5.414  5.952   1.00 38.39  ? 108 GLN A CA 1 
ATOM 101 C CA . ALA A 1 109 ? -1.325  -3.662  2.568   1.00 30.90  ? 109 ALA A CA 1 
ATOM 102 C CA . ASN A 1 110 ? -0.612  -6.695  0.353   1.00 20.84  ? 110 ASN A CA 1 
ATOM 103 C CA . ASP A 1 111 ? -3.522  -8.333  2.109   1.00 26.65  ? 111 ASP A CA 1 
ATOM 104 C CA . ILE A 1 112 ? -5.867  -5.428  1.548   1.00 30.33  ? 112 ILE A CA 1 
ATOM 105 C CA . LEU A 1 113 ? -4.731  -5.533  -2.067  1.00 22.07  ? 113 LEU A CA 1 
ATOM 106 C CA . LEU A 1 114 ? -5.328  -9.259  -2.288  1.00 34.30  ? 114 LEU A CA 1 
ATOM 107 C CA . LYS A 1 115 ? -8.603  -8.975  -0.325  1.00 25.07  ? 115 LYS A CA 1 
ATOM 108 C CA . ASP A 1 116 ? -9.995  -6.384  -2.734  1.00 50.32  ? 116 ASP A CA 1 
ATOM 109 C CA . LEU A 1 117 ? -9.234  -8.156  -6.020  1.00 53.23  ? 117 LEU A CA 1 
ATOM 110 C CA . GLU A 1 118 ? -10.980 -11.312 -4.979  1.00 39.76  ? 118 GLU A CA 1 
ATOM 111 C CA . ARG A 1 119 ? -14.005 -9.224  -4.045  1.00 40.98  ? 119 ARG A CA 1 
ATOM 112 C CA . PHE A 1 120 ? -13.611 -7.781  -7.535  1.00 34.17  ? 120 PHE A CA 1 
ATOM 113 C CA . VAL A 1 121 ? -13.191 -11.274 -9.018  1.00 44.57  ? 121 VAL A CA 1 
ATOM 114 C CA . ASP A 1 122 ? -16.249 -12.612 -7.258  1.00 45.26  ? 122 ASP A CA 1 
ATOM 115 C CA . ILE A 1 123 ? -18.566 -9.681  -7.984  1.00 40.27  ? 123 ILE A CA 1 
ATOM 116 C CA . ILE A 1 124 ? -17.404 -9.986  -11.570 1.00 45.08  ? 124 ILE A CA 1 
ATOM 117 C CA . LYS A 1 125 ? -18.347 -13.618 -11.362 1.00 54.74  ? 125 LYS A CA 1 
ATOM 118 C CA . GLU A 1 126 ? -21.754 -12.825 -9.871  1.00 28.36  ? 126 GLU A CA 1 
ATOM 119 C CA . LYS A 1 127 ? -22.649 -10.297 -12.545 1.00 67.95  ? 127 LYS A CA 1 
ATOM 120 C CA . ALA A 1 128 ? -20.893 -12.125 -15.410 1.00 53.60  ? 128 ALA A CA 1 
ATOM 121 C CA . LYS A 1 129 ? -24.008 -11.749 -17.547 1.00 36.83  ? 129 LYS A CA 1 
ATOM 122 C CA . GLU A 1 130 ? -25.674 -8.915  -15.657 1.00 49.38  ? 130 GLU A CA 1 
ATOM 123 C CA . HIS A 1 131 ? -26.054 -7.039  -18.989 1.00 28.49  ? 131 HIS A CA 1 
ATOM 124 C CA . LYS A 1 132 ? -25.096 -3.322  -18.812 1.00 56.56  ? 132 LYS A CA 1 
ATOM 125 C CA . TYR A 1 133 ? -24.644 -1.171  -21.952 1.00 55.80  ? 133 TYR A CA 1 
ATOM 126 C CA . THR A 1 134 ? -21.439 -0.472  -23.941 1.00 105.24 ? 134 THR A CA 1 
ATOM 127 C CA . VAL A 1 135 ? -17.882 -0.506  -22.552 1.00 105.24 ? 135 VAL A CA 1 
ATOM 128 C CA . MET A 1 136 ? -18.739 2.483   -20.357 1.00 105.24 ? 136 MET A CA 1 
ATOM 129 C CA . MET A 1 137 ? -21.005 4.644   -22.552 1.00 105.24 ? 137 MET A CA 1 
ATOM 130 C CA . THR A 1 140 ? -19.661 9.549   -28.964 1.00 105.24 ? 140 THR A CA 1 
ATOM 131 C CA . HIS A 1 141 ? -20.198 5.864   -28.118 1.00 105.24 ? 141 HIS A CA 1 
ATOM 132 C CA . GLY A 1 142 ? -21.933 3.870   -30.866 1.00 105.24 ? 142 GLY A CA 1 
ATOM 133 C CA . VAL A 1 143 ? -22.241 1.350   -28.002 1.00 105.24 ? 143 VAL A CA 1 
ATOM 134 C CA . HIS A 1 144 ? -23.002 -2.392  -28.053 1.00 82.40  ? 144 HIS A CA 1 
ATOM 135 C CA . ALA A 1 145 ? -23.979 -4.910  -25.350 1.00 47.14  ? 145 ALA A CA 1 
ATOM 136 C CA . GLU A 1 146 ? -21.908 -5.676  -22.220 1.00 50.03  ? 146 GLU A CA 1 
ATOM 137 C CA . PRO A 1 147 ? -21.984 -7.011  -18.640 1.00 46.02  ? 147 PRO A CA 1 
ATOM 138 C CA . THR A 1 148 ? -21.311 -5.230  -15.316 1.00 50.54  ? 148 THR A CA 1 
ATOM 139 C CA . THR A 1 149 ? -18.998 -8.202  -14.927 1.00 53.49  ? 149 THR A CA 1 
ATOM 140 C CA . PHE A 1 150 ? -16.853 -7.717  -17.987 1.00 33.70  ? 150 PHE A CA 1 
ATOM 141 C CA . GLY A 1 151 ? -16.540 -4.261  -16.447 1.00 35.30  ? 151 GLY A CA 1 
ATOM 142 C CA . LEU A 1 152 ? -15.708 -5.311  -12.899 1.00 27.48  ? 152 LEU A CA 1 
ATOM 143 C CA . LYS A 1 153 ? -13.462 -7.794  -14.685 1.00 34.25  ? 153 LYS A CA 1 
ATOM 144 C CA . LEU A 1 154 ? -11.219 -5.105  -16.108 1.00 50.01  ? 154 LEU A CA 1 
ATOM 145 C CA . ALA A 1 155 ? -10.884 -3.483  -12.691 1.00 29.52  ? 155 ALA A CA 1 
ATOM 146 C CA . LEU A 1 156 ? -9.586  -6.919  -11.793 1.00 39.47  ? 156 LEU A CA 1 
ATOM 147 C CA . TRP A 1 157 ? -7.009  -6.645  -14.567 1.00 32.22  ? 157 TRP A CA 1 
ATOM 148 C CA . HIS A 1 158 ? -5.896  -3.200  -13.360 1.00 45.27  ? 158 HIS A CA 1 
ATOM 149 C CA . GLU A 1 159 ? -5.681  -4.175  -9.687  1.00 19.85  ? 159 GLU A CA 1 
ATOM 150 C CA . GLU A 1 160 ? -3.757  -7.218  -10.845 1.00 35.32  ? 160 GLU A CA 1 
ATOM 151 C CA . MET A 1 161 ? -1.245  -4.920  -12.462 1.00 41.11  ? 161 MET A CA 1 
ATOM 152 C CA . LYS A 1 162 ? -1.356  -2.623  -9.531  1.00 16.87  ? 162 LYS A CA 1 
ATOM 153 C CA . ARG A 1 163 ? -0.586  -5.668  -7.463  1.00 25.27  ? 163 ARG A CA 1 
ATOM 154 C CA . ASN A 1 164 ? 2.700   -6.319  -9.238  1.00 25.88  ? 164 ASN A CA 1 
ATOM 155 C CA . LEU A 1 165 ? 3.479   -2.631  -9.138  1.00 23.14  ? 165 LEU A CA 1 
ATOM 156 C CA . GLU A 1 166 ? 3.067   -2.791  -5.410  1.00 23.65  ? 166 GLU A CA 1 
ATOM 157 C CA . ARG A 1 167 ? 5.247   -5.871  -5.158  1.00 26.43  ? 167 ARG A CA 1 
ATOM 158 C CA . PHE A 1 168 ? 8.083   -4.317  -7.179  1.00 29.88  ? 168 PHE A CA 1 
ATOM 159 C CA . LYS A 1 169 ? 7.752   -1.116  -5.204  1.00 27.77  ? 169 LYS A CA 1 
ATOM 160 C CA . GLN A 1 170 ? 7.463   -3.056  -1.949  1.00 30.73  ? 170 GLN A CA 1 
ATOM 161 C CA . ALA A 1 171 ? 10.536  -5.043  -2.830  1.00 51.37  ? 171 ALA A CA 1 
ATOM 162 C CA . LYS A 1 172 ? 12.561  -1.865  -3.182  1.00 29.46  ? 172 LYS A CA 1 
ATOM 163 C CA . ALA A 1 173 ? 12.021  -0.054  0.117   1.00 32.78  ? 173 ALA A CA 1 
ATOM 164 C CA . GLY A 1 174 ? 12.170  -3.145  2.319   1.00 45.70  ? 174 GLY A CA 1 
ATOM 165 C CA . ILE A 1 175 ? 15.906  -2.827  2.067   1.00 53.08  ? 175 ILE A CA 1 
ATOM 166 C CA . GLU A 1 176 ? 17.319  -1.318  5.229   1.00 38.77  ? 176 GLU A CA 1 
ATOM 167 C CA . VAL A 1 177 ? 21.046  -0.997  5.921   1.00 42.54  ? 177 VAL A CA 1 
ATOM 168 C CA . GLY A 1 178 ? 21.663  -1.534  9.628   1.00 99.96  ? 178 GLY A CA 1 
ATOM 169 C CA . LYS A 1 179 ? 25.176  -1.770  8.259   1.00 96.33  ? 179 LYS A CA 1 
ATOM 170 C CA . ILE A 1 180 ? 27.201  1.384   7.625   1.00 61.59  ? 180 ILE A CA 1 
ATOM 171 C CA . SER A 1 181 ? 28.238  2.419   11.143  1.00 104.77 ? 181 SER A CA 1 
ATOM 172 C CA . GLY A 1 182 ? 30.939  4.434   9.340   1.00 105.24 ? 182 GLY A CA 1 
ATOM 173 C CA . ASN A 1 189 ? 37.336  -7.036  8.755   1.00 105.24 ? 189 ASN A CA 1 
ATOM 174 C CA . ILE A 1 190 ? 34.024  -7.560  10.597  1.00 105.24 ? 190 ILE A CA 1 
ATOM 175 C CA . ASP A 1 191 ? 31.347  -5.042  9.555   1.00 104.34 ? 191 ASP A CA 1 
ATOM 176 C CA . PRO A 1 192 ? 29.488  -7.536  7.366   1.00 105.24 ? 192 PRO A CA 1 
ATOM 177 C CA . PHE A 1 193 ? 27.260  -10.031 9.211   1.00 91.29  ? 193 PHE A CA 1 
ATOM 178 C CA . VAL A 1 194 ? 26.255  -7.452  11.834  1.00 92.58  ? 194 VAL A CA 1 
ATOM 179 C CA . GLU A 1 195 ? 24.236  -6.093  8.907   1.00 79.82  ? 195 GLU A CA 1 
ATOM 180 C CA . GLN A 1 196 ? 22.585  -8.849  6.891   1.00 77.86  ? 196 GLN A CA 1 
ATOM 181 C CA . TYR A 1 197 ? 21.884  -10.564 10.241  1.00 105.24 ? 197 TYR A CA 1 
ATOM 182 C CA . VAL A 1 198 ? 19.693  -7.726  11.507  1.00 63.18  ? 198 VAL A CA 1 
ATOM 183 C CA . CYS A 1 199 ? 18.190  -7.271  8.056   1.00 54.87  ? 199 CYS A CA 1 
ATOM 184 C CA . GLU A 1 200 ? 17.523  -11.032 7.838   1.00 67.45  ? 200 GLU A CA 1 
ATOM 185 C CA . LYS A 1 201 ? 15.598  -11.285 11.093  1.00 76.37  ? 201 LYS A CA 1 
ATOM 186 C CA . LEU A 1 202 ? 13.758  -8.028  10.501  1.00 52.37  ? 202 LEU A CA 1 
ATOM 187 C CA . GLY A 1 203 ? 12.691  -9.525  7.141   1.00 36.32  ? 203 GLY A CA 1 
ATOM 188 C CA . LEU A 1 204 ? 14.273  -6.759  5.079   1.00 60.15  ? 204 LEU A CA 1 
ATOM 189 C CA . LYS A 1 205 ? 16.844  -7.000  2.256   1.00 43.99  ? 205 LYS A CA 1 
ATOM 190 C CA . ALA A 1 206 ? 20.260  -5.390  2.613   1.00 61.66  ? 206 ALA A CA 1 
ATOM 191 C CA . ALA A 1 207 ? 21.786  -2.356  0.904   1.00 83.89  ? 207 ALA A CA 1 
ATOM 192 C CA . PRO A 1 208 ? 24.712  -2.912  -1.463  1.00 76.05  ? 208 PRO A CA 1 
ATOM 193 C CA . ILE A 1 209 ? 26.885  -0.172  0.085   1.00 68.49  ? 209 ILE A CA 1 
ATOM 194 C CA . SER A 1 210 ? 24.393  2.569   0.985   1.00 53.13  ? 210 SER A CA 1 
ATOM 195 C CA . THR A 1 211 ? 26.029  5.262   3.105   1.00 89.07  ? 211 THR A CA 1 
ATOM 196 C CA . GLN A 1 212 ? 24.536  6.688   6.312   1.00 105.24 ? 212 GLN A CA 1 
ATOM 197 C CA . THR A 1 213 ? 21.538  7.122   4.024   1.00 54.66  ? 213 THR A CA 1 
ATOM 198 C CA . LEU A 1 214 ? 19.339  4.854   1.906   1.00 48.35  ? 214 LEU A CA 1 
ATOM 199 C CA . GLN A 1 215 ? 18.597  6.437   -1.502  1.00 31.37  ? 215 GLN A CA 1 
ATOM 200 C CA . ARG A 1 216 ? 15.067  7.886   -1.635  1.00 29.60  ? 216 ARG A CA 1 
ATOM 201 C CA . ASP A 1 217 ? 14.385  7.032   -5.247  1.00 26.26  ? 217 ASP A CA 1 
ATOM 202 C CA . ARG A 1 218 ? 13.017  3.884   -3.651  1.00 52.67  ? 218 ARG A CA 1 
ATOM 203 C CA . HIS A 1 219 ? 10.470  5.843   -1.733  1.00 33.54  ? 219 HIS A CA 1 
ATOM 204 C CA . ALA A 1 220 ? 9.447   7.905   -4.721  1.00 30.78  ? 220 ALA A CA 1 
ATOM 205 C CA . ASP A 1 221 ? 8.893   4.565   -6.465  1.00 17.15  ? 221 ASP A CA 1 
ATOM 206 C CA . TYR A 1 222 ? 6.811   3.439   -3.480  1.00 20.22  ? 222 TYR A CA 1 
ATOM 207 C CA . MET A 1 223 ? 4.715   6.503   -2.757  1.00 21.02  ? 223 MET A CA 1 
ATOM 208 C CA . ALA A 1 224 ? 4.166   6.917   -6.471  1.00 39.07  ? 224 ALA A CA 1 
ATOM 209 C CA . THR A 1 225 ? 2.671   3.455   -6.305  1.00 31.43  ? 225 THR A CA 1 
ATOM 210 C CA . LEU A 1 226 ? 0.565   3.828   -3.210  1.00 28.80  ? 226 LEU A CA 1 
ATOM 211 C CA . ALA A 1 227 ? -0.783  6.747   -5.209  1.00 31.54  ? 227 ALA A CA 1 
ATOM 212 C CA . LEU A 1 228 ? -1.380  5.048   -8.592  1.00 33.10  ? 228 LEU A CA 1 
ATOM 213 C CA . ILE A 1 229 ? -3.435  2.546   -6.690  1.00 32.99  ? 229 ILE A CA 1 
ATOM 214 C CA . ALA A 1 230 ? -5.556  5.105   -4.876  1.00 27.03  ? 230 ALA A CA 1 
ATOM 215 C CA . THR A 1 231 ? -5.980  6.704   -8.273  1.00 23.87  ? 231 THR A CA 1 
ATOM 216 C CA . SER A 1 232 ? -7.016  3.409   -9.782  1.00 29.84  ? 232 SER A CA 1 
ATOM 217 C CA . ILE A 1 233 ? -9.578  3.196   -7.022  1.00 19.72  ? 233 ILE A CA 1 
ATOM 218 C CA . GLU A 1 234 ? -10.861 6.661   -7.843  1.00 21.06  ? 234 GLU A CA 1 
ATOM 219 C CA . LYS A 1 235 ? -11.298 5.393   -11.362 1.00 15.39  ? 235 LYS A CA 1 
ATOM 220 C CA . PHE A 1 236 ? -13.594 2.672   -10.132 1.00 23.36  ? 236 PHE A CA 1 
ATOM 221 C CA . ALA A 1 237 ? -15.148 5.000   -7.561  1.00 40.51  ? 237 ALA A CA 1 
ATOM 222 C CA . VAL A 1 238 ? -15.805 7.469   -10.331 1.00 18.20  ? 238 VAL A CA 1 
ATOM 223 C CA . GLU A 1 239 ? -17.309 4.689   -12.445 1.00 35.58  ? 239 GLU A CA 1 
ATOM 224 C CA . ILE A 1 240 ? -19.563 3.655   -9.623  1.00 32.20  ? 240 ILE A CA 1 
ATOM 225 C CA . ARG A 1 241 ? -20.539 7.294   -9.086  1.00 40.60  ? 241 ARG A CA 1 
ATOM 226 C CA . GLY A 1 242 ? -21.387 7.613   -12.725 1.00 41.42  ? 242 GLY A CA 1 
ATOM 227 C CA . LEU A 1 243 ? -23.695 4.626   -12.635 1.00 39.62  ? 243 LEU A CA 1 
ATOM 228 C CA . GLN A 1 244 ? -25.420 5.810   -9.473  1.00 54.72  ? 244 GLN A CA 1 
ATOM 229 C CA . LYS A 1 245 ? -26.641 8.920   -11.246 1.00 67.11  ? 245 LYS A CA 1 
ATOM 230 C CA . SER A 1 246 ? -30.358 9.110   -10.312 1.00 87.43  ? 246 SER A CA 1 
ATOM 231 C CA . GLU A 1 247 ? -31.238 8.752   -14.026 1.00 105.01 ? 247 GLU A CA 1 
ATOM 232 C CA . THR A 1 248 ? -32.807 5.297   -13.598 1.00 74.58  ? 248 THR A CA 1 
ATOM 233 C CA . ARG A 1 249 ? -29.568 4.272   -11.925 1.00 36.38  ? 249 ARG A CA 1 
ATOM 234 C CA . GLU A 1 250 ? -27.957 0.874   -12.417 1.00 33.08  ? 250 GLU A CA 1 
ATOM 235 C CA . VAL A 1 251 ? -25.926 0.730   -9.228  1.00 43.32  ? 251 VAL A CA 1 
ATOM 236 C CA . GLU A 1 252 ? -26.094 2.014   -5.662  1.00 30.48  ? 252 GLU A CA 1 
ATOM 237 C CA . GLU A 1 253 ? -23.467 2.078   -2.887  1.00 36.96  ? 253 GLU A CA 1 
ATOM 238 C CA . PHE A 1 254 ? -25.200 0.206   -0.028  1.00 46.03  ? 254 PHE A CA 1 
ATOM 239 C CA . SER A 1 263 ? -29.222 7.225   -0.833  1.00 73.34  ? 263 SER A CA 1 
ATOM 240 C CA . ALA A 1 264 ? -27.613 10.603  -0.172  1.00 105.24 ? 264 ALA A CA 1 
ATOM 241 C CA . MET A 1 265 ? -25.382 9.612   -3.131  1.00 48.31  ? 265 MET A CA 1 
ATOM 242 C CA . PRO A 1 266 ? -22.028 7.799   -3.591  1.00 52.37  ? 266 PRO A CA 1 
ATOM 243 C CA . HIS A 1 267 ? -20.853 9.086   -0.228  1.00 50.15  ? 267 HIS A CA 1 
ATOM 244 C CA . LYS A 1 268 ? -18.211 6.390   -0.118  1.00 28.33  ? 268 LYS A CA 1 
ATOM 245 C CA . ARG A 1 269 ? -16.979 6.537   -3.671  1.00 22.36  ? 269 ARG A CA 1 
ATOM 246 C CA . ASN A 1 270 ? -16.791 10.326  -3.401  1.00 35.10  ? 270 ASN A CA 1 
ATOM 247 C CA . PRO A 1 271 ? -15.096 9.869   -0.059  1.00 12.28  ? 271 PRO A CA 1 
ATOM 248 C CA . ILE A 1 272 ? -12.667 7.578   -1.782  1.00 30.06  ? 272 ILE A CA 1 
ATOM 249 C CA . GLY A 1 273 ? -11.895 10.228  -4.378  1.00 20.58  ? 273 GLY A CA 1 
ATOM 250 C CA . SER A 1 274 ? -10.694 12.710  -1.803  1.00 21.61  ? 274 SER A CA 1 
ATOM 251 C CA . GLU A 1 275 ? -8.175  10.370  -0.212  1.00 31.77  ? 275 GLU A CA 1 
ATOM 252 C CA . ASN A 1 276 ? -6.759  9.620   -3.643  1.00 26.79  ? 276 ASN A CA 1 
ATOM 253 C CA . MET A 1 277 ? -6.284  13.300  -4.337  1.00 43.21  ? 277 MET A CA 1 
ATOM 254 C CA . THR A 1 278 ? -4.404  13.448  -1.078  1.00 31.41  ? 278 THR A CA 1 
ATOM 255 C CA . GLY A 1 279 ? -2.057  10.535  -1.674  1.00 49.11  ? 279 GLY A CA 1 
ATOM 256 C CA . MET A 1 280 ? -1.250  11.873  -5.143  1.00 14.27  ? 280 MET A CA 1 
ATOM 257 C CA . ALA A 1 281 ? 0.135   14.924  -3.418  1.00 20.93  ? 281 ALA A CA 1 
ATOM 258 C CA . ARG A 1 282 ? 2.081   12.771  -1.022  1.00 25.98  ? 282 ARG A CA 1 
ATOM 259 C CA . VAL A 1 283 ? 3.536   11.436  -4.266  1.00 25.34  ? 283 VAL A CA 1 
ATOM 260 C CA . ILE A 1 284 ? 4.642   14.921  -5.217  1.00 31.68  ? 284 ILE A CA 1 
ATOM 261 C CA . ARG A 1 285 ? 6.353   15.442  -1.889  1.00 21.04  ? 285 ARG A CA 1 
ATOM 262 C CA . GLY A 1 286 ? 8.095   12.112  -2.324  1.00 33.18  ? 286 GLY A CA 1 
ATOM 263 C CA . TYR A 1 287 ? 9.833   12.881  -5.582  1.00 27.21  ? 287 TYR A CA 1 
ATOM 264 C CA . MET A 1 288 ? 11.015  16.101  -4.007  1.00 49.07  ? 288 MET A CA 1 
ATOM 265 C CA . MET A 1 289 ? 12.677  14.199  -1.188  1.00 31.27  ? 289 MET A CA 1 
ATOM 266 C CA . THR A 1 290 ? 14.782  12.478  -3.776  1.00 27.70  ? 290 THR A CA 1 
ATOM 267 C CA . ALA A 1 291 ? 17.666  14.836  -4.522  1.00 17.42  ? 291 ALA A CA 1 
ATOM 268 C CA . TYR A 1 292 ? 19.506  15.274  -1.253  1.00 45.00  ? 292 TYR A CA 1 
ATOM 269 C CA . GLU A 1 293 ? 22.213  17.925  -1.068  1.00 29.96  ? 293 GLU A CA 1 
ATOM 270 C CA . ASN A 1 294 ? 24.634  15.858  0.897   1.00 44.32  ? 294 ASN A CA 1 
ATOM 271 C CA . VAL A 1 295 ? 24.742  12.530  2.746   1.00 56.50  ? 295 VAL A CA 1 
ATOM 272 C CA . PRO A 1 296 ? 23.502  14.085  5.990   1.00 76.25  ? 296 PRO A CA 1 
ATOM 273 C CA . LEU A 1 297 ? 20.583  16.022  4.458   1.00 36.72  ? 297 LEU A CA 1 
ATOM 274 C CA . TRP A 1 298 ? 17.950  15.092  7.008   1.00 32.80  ? 298 TRP A CA 1 
ATOM 275 C CA . HIS A 1 299 ? 15.546  17.096  4.843   1.00 20.65  ? 299 HIS A CA 1 
ATOM 276 C CA . GLU A 1 300 ? 13.290  14.240  3.714   1.00 40.33  ? 300 GLU A CA 1 
ATOM 277 C CA . ARG A 1 301 ? 12.857  13.267  7.366   1.00 28.11  ? 301 ARG A CA 1 
ATOM 278 C CA . ASP A 1 302 ? 10.415  15.944  8.424   1.00 26.92  ? 302 ASP A CA 1 
ATOM 279 C CA . ILE A 1 303 ? 8.596   15.023  5.227   1.00 23.64  ? 303 ILE A CA 1 
ATOM 280 C CA . SER A 1 304 ? 8.448   11.272  5.503   1.00 44.65  ? 304 SER A CA 1 
ATOM 281 C CA . HIS A 1 305 ? 7.395   11.762  9.132   1.00 33.54  ? 305 HIS A CA 1 
ATOM 282 C CA . SER A 1 306 ? 4.143   12.854  7.600   1.00 22.31  ? 306 SER A CA 1 
ATOM 283 C CA . SER A 1 307 ? 3.833   11.141  4.211   1.00 35.89  ? 307 SER A CA 1 
ATOM 284 C CA . ALA A 1 308 ? 4.708   7.511   4.886   1.00 47.96  ? 308 ALA A CA 1 
ATOM 285 C CA . GLU A 1 309 ? 2.298   6.829   7.760   1.00 28.48  ? 309 GLU A CA 1 
ATOM 286 C CA . ARG A 1 310 ? -0.394  9.083   6.252   1.00 28.99  ? 310 ARG A CA 1 
ATOM 287 C CA . ILE A 1 311 ? -0.110  7.610   2.775   1.00 35.67  ? 311 ILE A CA 1 
ATOM 288 C CA . ILE A 1 312 ? -0.347  4.076   4.200   1.00 40.03  ? 312 ILE A CA 1 
ATOM 289 C CA . LEU A 1 313 ? -2.954  4.710   6.853   1.00 25.63  ? 313 LEU A CA 1 
ATOM 290 C CA . PRO A 1 314 ? -4.808  6.464   4.040   1.00 25.89  ? 314 PRO A CA 1 
ATOM 291 C CA . ASP A 1 315 ? -4.430  3.659   1.539   1.00 34.62  ? 315 ASP A CA 1 
ATOM 292 C CA . ALA A 1 316 ? -5.436  1.020   4.080   1.00 50.62  ? 316 ALA A CA 1 
ATOM 293 C CA . THR A 1 317 ? -8.683  2.922   4.544   1.00 43.18  ? 317 THR A CA 1 
ATOM 294 C CA . ILE A 1 318 ? -9.233  3.291   0.835   1.00 28.42  ? 318 ILE A CA 1 
ATOM 295 C CA . ALA A 1 319 ? -8.437  -0.321  0.136   1.00 40.69  ? 319 ALA A CA 1 
ATOM 296 C CA . LEU A 1 320 ? -10.615 -1.829  2.796   1.00 46.39  ? 320 LEU A CA 1 
ATOM 297 C CA . ASN A 1 321 ? -13.490 0.705   2.586   1.00 39.18  ? 321 ASN A CA 1 
ATOM 298 C CA . TYR A 1 322 ? -13.889 0.500   -1.180  1.00 32.63  ? 322 TYR A CA 1 
ATOM 299 C CA . MET A 1 323 ? -13.521 -3.269  -1.047  1.00 32.28  ? 323 MET A CA 1 
ATOM 300 C CA . LEU A 1 324 ? -16.870 -3.161  0.724   1.00 42.33  ? 324 LEU A CA 1 
ATOM 301 C CA . ASN A 1 325 ? -18.375 -0.279  -1.229  1.00 59.51  ? 325 ASN A CA 1 
ATOM 302 C CA . ARG A 1 326 ? -17.857 -2.790  -4.030  1.00 32.89  ? 326 ARG A CA 1 
ATOM 303 C CA . PHE A 1 327 ? -18.756 -6.100  -2.441  1.00 42.47  ? 327 PHE A CA 1 
ATOM 304 C CA . SER A 1 328 ? -22.120 -5.008  -1.052  1.00 42.50  ? 328 SER A CA 1 
ATOM 305 C CA . ASN A 1 329 ? -22.464 -2.675  -4.037  1.00 51.33  ? 329 ASN A CA 1 
ATOM 306 C CA . ILE A 1 330 ? -26.106 -3.064  -5.180  1.00 54.17  ? 330 ILE A CA 1 
ATOM 307 C CA . VAL A 1 331 ? -26.851 -3.710  -8.841  1.00 41.20  ? 331 VAL A CA 1 
ATOM 308 C CA . LYS A 1 332 ? -29.862 -5.272  -10.523 1.00 77.44  ? 332 LYS A CA 1 
ATOM 309 C CA . ASN A 1 333 ? -30.700 -4.768  -14.257 1.00 56.93  ? 333 ASN A CA 1 
ATOM 310 C CA . LEU A 1 334 ? -34.079 -3.847  -12.879 1.00 105.24 ? 334 LEU A CA 1 
ATOM 311 C CA . THR A 1 335 ? -33.116 -0.631  -14.671 1.00 45.95  ? 335 THR A CA 1 
ATOM 312 C CA . VAL A 1 336 ? -30.068 -1.462  -16.784 1.00 51.84  ? 336 VAL A CA 1 
ATOM 313 C CA . PHE A 1 337 ? -32.196 -3.216  -19.383 1.00 75.33  ? 337 PHE A CA 1 
ATOM 314 C CA . PRO A 1 338 ? -34.679 -0.358  -19.391 1.00 82.50  ? 338 PRO A CA 1 
ATOM 315 C CA . GLU A 1 339 ? -31.859 2.122   -19.899 1.00 39.44  ? 339 GLU A CA 1 
ATOM 316 C CA . ASN A 1 340 ? -30.529 -0.112  -22.656 1.00 105.24 ? 340 ASN A CA 1 
ATOM 317 C CA . MET A 1 341 ? -33.805 -1.081  -24.353 1.00 105.24 ? 341 MET A CA 1 
ATOM 318 C CA . LYS A 1 342 ? -34.902 2.540   -24.038 1.00 81.04  ? 342 LYS A CA 1 
ATOM 319 C CA . ARG A 1 343 ? -32.994 5.053   -26.170 1.00 105.24 ? 343 ARG A CA 1 
ATOM 320 C CA . ASN A 1 344 ? -31.724 2.096   -28.170 1.00 69.15  ? 344 ASN A CA 1 
ATOM 321 C CA . LEU A 1 351 ? -30.433 3.139   -32.829 1.00 105.24 ? 351 LEU A CA 1 
ATOM 322 C CA . ILE A 1 352 ? -28.266 0.793   -30.712 1.00 105.24 ? 352 ILE A CA 1 
ATOM 323 C CA . TYR A 1 353 ? -28.413 -2.946  -31.442 1.00 105.24 ? 353 TYR A CA 1 
ATOM 324 C CA . SER A 1 354 ? -29.548 -2.571  -35.071 1.00 105.24 ? 354 SER A CA 1 
ATOM 325 C CA . GLN A 1 355 ? -26.213 -1.605  -36.640 1.00 105.24 ? 355 GLN A CA 1 
ATOM 326 C CA . ARG A 1 356 ? -25.103 -5.123  -35.705 1.00 105.24 ? 356 ARG A CA 1 
ATOM 327 C CA . VAL A 1 357 ? -25.567 -6.272  -39.305 1.00 105.24 ? 357 VAL A CA 1 
ATOM 328 C CA . LEU A 1 358 ? -24.887 -3.941  -42.257 1.00 105.24 ? 358 LEU A CA 1 
ATOM 329 C CA . LEU A 1 359 ? -25.399 -6.756  -44.790 1.00 105.24 ? 359 LEU A CA 1 
ATOM 330 C CA . ALA A 1 360 ? -28.380 -8.286  -46.598 1.00 105.24 ? 360 ALA A CA 1 
ATOM 331 C CA . GLU A 1 396 ? -33.478 -13.147 -33.935 1.00 105.24 ? 396 GLU A CA 1 
ATOM 332 C CA . GLU A 1 397 ? -32.377 -10.843 -36.753 1.00 105.24 ? 397 GLU A CA 1 
ATOM 333 C CA . LYS A 1 398 ? -29.560 -8.728  -35.284 1.00 105.24 ? 398 LYS A CA 1 
ATOM 334 C CA . ILE A 1 399 ? -31.034 -8.249  -31.809 1.00 105.24 ? 399 ILE A CA 1 
ATOM 335 C CA . THR A 1 400 ? -28.846 -10.763 -29.951 1.00 105.24 ? 400 THR A CA 1 
ATOM 336 C CA . SER A 1 401 ? -28.631 -9.115  -26.518 1.00 105.24 ? 401 SER A CA 1 
ATOM 337 C CA . ARG A 1 402 ? -27.571 -11.772 -24.042 1.00 105.24 ? 402 ARG A CA 1 
ATOM 338 C CA . LEU A 1 403 ? -27.076 -13.819 -27.212 1.00 105.24 ? 403 LEU A CA 1 
ATOM 339 C CA . SER A 1 404 ? -23.796 -12.009 -27.819 1.00 102.44 ? 404 SER A CA 1 
ATOM 340 C CA . PRO A 1 405 ? -22.968 -12.834 -24.199 1.00 105.24 ? 405 PRO A CA 1 
ATOM 341 C CA . GLU A 1 406 ? -21.603 -16.265 -25.126 1.00 77.88  ? 406 GLU A CA 1 
ATOM 342 C CA . LYS A 1 407 ? -18.253 -14.522 -25.401 1.00 69.62  ? 407 LYS A CA 1 
ATOM 343 C CA . ILE A 1 408 ? -18.298 -13.453 -21.718 1.00 41.49  ? 408 ILE A CA 1 
ATOM 344 C CA . ALA A 1 409 ? -17.388 -16.970 -20.587 1.00 84.55  ? 409 ALA A CA 1 
ATOM 345 C CA . ASP A 1 410 ? -14.461 -16.918 -23.044 1.00 67.82  ? 410 ASP A CA 1 
ATOM 346 C CA . CYS A 1 411 ? -12.970 -13.555 -21.999 1.00 46.02  ? 411 CYS A CA 1 
ATOM 347 C CA . PHE A 1 412 ? -13.521 -14.049 -18.275 1.00 36.76  ? 412 PHE A CA 1 
ATOM 348 C CA . ASP A 1 413 ? -11.553 -17.293 -18.658 1.00 53.87  ? 413 ASP A CA 1 
ATOM 349 C CA . TYR A 1 414 ? -8.721  -15.682 -20.596 1.00 57.26  ? 414 TYR A CA 1 
ATOM 350 C CA . ASN A 1 415 ? -8.313  -13.239 -17.710 1.00 49.95  ? 415 ASN A CA 1 
ATOM 351 C CA . TYR A 1 416 ? -9.468  -15.358 -14.745 1.00 54.57  ? 416 TYR A CA 1 
# 
